data_8U7X
#
_entry.id   8U7X
#
_cell.length_a   45.440
_cell.length_b   213.200
_cell.length_c   55.770
_cell.angle_alpha   90.000
_cell.angle_beta   96.360
_cell.angle_gamma   90.000
#
_symmetry.space_group_name_H-M   'P 1 21 1'
#
loop_
_entity.id
_entity.type
_entity.pdbx_description
1 polymer 'Tyrosine-protein phosphatase non-receptor type 11'
2 non-polymer (3S,4S)-8-{6-[(2-amino-3-chloropyridin-4-yl)sulfanyl]pyrido[2,3-b]pyrazin-2-yl}-3-methyl-2-oxa-8-azaspiro[4.5]decan-4-amine
3 water water
#
_entity_poly.entity_id   1
_entity_poly.type   'polypeptide(L)'
_entity_poly.pdbx_seq_one_letter_code
;MHHHHHHENLYFQSMTSRRWFHPNITGVEAENLLLTRGVDGSFLARPSKSNPGDFTLSVRRNGAVTHIKIQNTGDYYDLY
GGEKFATLAELVQYYMEHHGQLKEKNGDVIELKYPLNCADPTSERWFHGHLSGKEAEKLLTEKGKHGSFLVRESQSHPGD
FVLSVRTGDDKGESNDGKSKVTHVMIRCQELKYDVGGGERFDSLTDLVEHYKKNPMVETLGTVLQLKQPLNTTRINAAEI
ESRVRELSKLAETTDKVKQGFWEEFETLQQQECKLLYSRKEGQRQENKNKNRYKNILPFDHTRVVLHDGDPNEPVSDYIN
ANIIMPEFETKCNNSKPKKSYIATQGCLQNTVNDFWRMVFQENSRVIVMTTKEVERGKSKCVKYWPDEYALKEYGVMRVR
NVKESAAHDYTLRELKLSKVGQGNTERTVWQYHFRTWPDHGVPSDPGGVLDFLEEVHHKQESIMDAGPVVVHCSAGIGRT
GTFIVIDILIDIIREKGVDCDIDVPKTIQMVRSQRSGMVQTEAQYRFIYMAVQHYIETL
;
_entity_poly.pdbx_strand_id   A,B
#
loop_
_chem_comp.id
_chem_comp.type
_chem_comp.name
_chem_comp.formula
WAB non-polymer (3S,4S)-8-{6-[(2-amino-3-chloropyridin-4-yl)sulfanyl]pyrido[2,3-b]pyrazin-2-yl}-3-methyl-2-oxa-8-azaspiro[4.5]decan-4-amine 'C21 H24 Cl N7 O S'
#
# COMPACT_ATOMS: atom_id res chain seq x y z
N THR A 16 -27.13 3.17 -35.54
CA THR A 16 -26.67 2.11 -34.65
C THR A 16 -25.78 1.11 -35.39
N SER A 17 -24.64 1.58 -35.87
CA SER A 17 -23.70 0.73 -36.60
C SER A 17 -22.29 1.20 -36.33
N ARG A 18 -21.44 0.29 -35.87
CA ARG A 18 -20.02 0.55 -35.65
C ARG A 18 -19.17 -0.30 -36.58
N ARG A 19 -19.69 -0.61 -37.77
CA ARG A 19 -18.96 -1.46 -38.71
C ARG A 19 -17.69 -0.79 -39.23
N TRP A 20 -17.57 0.52 -39.09
CA TRP A 20 -16.38 1.21 -39.58
C TRP A 20 -15.15 0.98 -38.71
N PHE A 21 -15.28 0.27 -37.59
CA PHE A 21 -14.13 -0.05 -36.74
C PHE A 21 -13.64 -1.45 -37.07
N HIS A 22 -12.36 -1.56 -37.41
CA HIS A 22 -11.74 -2.84 -37.75
C HIS A 22 -10.75 -3.20 -36.67
N PRO A 23 -11.04 -4.16 -35.80
CA PRO A 23 -10.16 -4.42 -34.64
C PRO A 23 -8.83 -5.07 -35.00
N ASN A 24 -8.72 -5.74 -36.16
CA ASN A 24 -7.60 -6.63 -36.41
C ASN A 24 -6.73 -6.25 -37.60
N ILE A 25 -6.99 -5.14 -38.29
CA ILE A 25 -6.23 -4.83 -39.49
C ILE A 25 -5.06 -3.93 -39.14
N THR A 26 -4.07 -3.92 -40.03
CA THR A 26 -2.89 -3.07 -39.90
C THR A 26 -3.05 -1.82 -40.74
N GLY A 27 -2.05 -0.92 -40.61
CA GLY A 27 -2.08 0.30 -41.39
C GLY A 27 -1.99 0.03 -42.89
N VAL A 28 -1.08 -0.88 -43.28
CA VAL A 28 -0.97 -1.26 -44.68
C VAL A 28 -2.25 -1.92 -45.15
N GLU A 29 -2.84 -2.79 -44.33
CA GLU A 29 -4.10 -3.43 -44.69
C GLU A 29 -5.22 -2.41 -44.84
N ALA A 30 -5.28 -1.43 -43.91
CA ALA A 30 -6.30 -0.39 -44.00
C ALA A 30 -6.13 0.43 -45.27
N GLU A 31 -4.89 0.77 -45.62
CA GLU A 31 -4.63 1.55 -46.83
C GLU A 31 -5.07 0.80 -48.07
N ASN A 32 -4.66 -0.45 -48.20
CA ASN A 32 -5.05 -1.25 -49.37
C ASN A 32 -6.55 -1.48 -49.41
N LEU A 33 -7.18 -1.64 -48.25
CA LEU A 33 -8.63 -1.85 -48.21
C LEU A 33 -9.38 -0.60 -48.69
N LEU A 34 -8.94 0.58 -48.25
CA LEU A 34 -9.58 1.82 -48.68
C LEU A 34 -9.33 2.09 -50.17
N LEU A 35 -8.17 1.70 -50.68
CA LEU A 35 -7.84 1.99 -52.06
C LEU A 35 -8.52 1.06 -53.05
N THR A 36 -8.84 -0.17 -52.63
CA THR A 36 -9.41 -1.15 -53.54
C THR A 36 -10.91 -1.38 -53.33
N ARG A 37 -11.43 -1.10 -52.13
CA ARG A 37 -12.85 -1.31 -51.85
C ARG A 37 -13.58 -0.04 -51.46
N GLY A 38 -12.89 1.09 -51.28
CA GLY A 38 -13.50 2.35 -50.95
C GLY A 38 -13.33 3.38 -52.06
N VAL A 39 -13.91 4.55 -51.82
CA VAL A 39 -13.82 5.69 -52.71
C VAL A 39 -13.38 6.90 -51.89
N ASP A 40 -13.29 8.05 -52.56
CA ASP A 40 -12.97 9.28 -51.86
C ASP A 40 -14.08 9.62 -50.88
N GLY A 41 -13.71 9.85 -49.63
CA GLY A 41 -14.65 10.02 -48.55
C GLY A 41 -14.86 8.78 -47.71
N SER A 42 -14.37 7.63 -48.16
CA SER A 42 -14.45 6.42 -47.35
C SER A 42 -13.47 6.48 -46.19
N PHE A 43 -13.84 5.82 -45.09
CA PHE A 43 -13.04 5.89 -43.87
C PHE A 43 -13.26 4.64 -43.04
N LEU A 44 -12.32 4.43 -42.12
CA LEU A 44 -12.43 3.38 -41.11
C LEU A 44 -11.58 3.79 -39.91
N ALA A 45 -11.82 3.12 -38.78
CA ALA A 45 -11.03 3.31 -37.57
C ALA A 45 -10.44 1.98 -37.15
N ARG A 46 -9.29 2.03 -36.49
CA ARG A 46 -8.53 0.84 -36.16
C ARG A 46 -7.66 1.14 -34.94
N PRO A 47 -7.28 0.11 -34.19
CA PRO A 47 -6.29 0.32 -33.13
C PRO A 47 -4.94 0.69 -33.73
N SER A 48 -4.24 1.61 -33.07
CA SER A 48 -2.91 1.99 -33.49
C SER A 48 -1.93 0.91 -33.10
N LYS A 49 -1.13 0.44 -34.06
CA LYS A 49 -0.15 -0.60 -33.77
C LYS A 49 1.14 -0.04 -33.19
N SER A 50 1.50 1.20 -33.56
CA SER A 50 2.72 1.81 -33.04
C SER A 50 2.52 2.29 -31.60
N ASN A 51 1.37 2.90 -31.30
CA ASN A 51 1.06 3.41 -29.97
C ASN A 51 -0.05 2.55 -29.36
N PRO A 52 0.28 1.54 -28.57
CA PRO A 52 -0.75 0.75 -27.92
C PRO A 52 -1.63 1.61 -27.02
N GLY A 53 -2.94 1.38 -27.10
CA GLY A 53 -3.92 2.21 -26.43
C GLY A 53 -4.48 3.34 -27.26
N ASP A 54 -3.78 3.75 -28.31
CA ASP A 54 -4.25 4.78 -29.21
C ASP A 54 -5.01 4.16 -30.38
N PHE A 55 -5.59 5.02 -31.21
CA PHE A 55 -6.35 4.58 -32.38
C PHE A 55 -5.98 5.47 -33.56
N THR A 56 -6.32 4.99 -34.76
CA THR A 56 -6.03 5.70 -35.99
C THR A 56 -7.28 5.76 -36.85
N LEU A 57 -7.59 6.94 -37.37
CA LEU A 57 -8.66 7.14 -38.33
C LEU A 57 -8.03 7.24 -39.72
N SER A 58 -8.32 6.26 -40.56
CA SER A 58 -7.76 6.21 -41.91
C SER A 58 -8.84 6.65 -42.91
N VAL A 59 -8.53 7.70 -43.67
CA VAL A 59 -9.50 8.33 -44.56
C VAL A 59 -8.91 8.40 -45.96
N ARG A 60 -9.72 8.04 -46.96
CA ARG A 60 -9.34 8.18 -48.36
C ARG A 60 -9.83 9.52 -48.90
N ARG A 61 -8.97 10.17 -49.67
CA ARG A 61 -9.34 11.40 -50.37
C ARG A 61 -8.35 11.64 -51.50
N ASN A 62 -8.88 12.05 -52.66
CA ASN A 62 -8.07 12.29 -53.85
C ASN A 62 -7.22 11.07 -54.21
N GLY A 63 -7.82 9.89 -54.06
CA GLY A 63 -7.13 8.65 -54.38
C GLY A 63 -6.00 8.28 -53.44
N ALA A 64 -5.85 8.98 -52.32
CA ALA A 64 -4.81 8.69 -51.35
C ALA A 64 -5.45 8.55 -49.98
N VAL A 65 -4.69 7.93 -49.06
CA VAL A 65 -5.17 7.64 -47.71
C VAL A 65 -4.39 8.50 -46.72
N THR A 66 -5.10 9.12 -45.79
CA THR A 66 -4.52 9.85 -44.67
C THR A 66 -4.82 9.12 -43.37
N HIS A 67 -3.87 9.16 -42.45
CA HIS A 67 -3.99 8.48 -41.15
C HIS A 67 -3.96 9.52 -40.05
N ILE A 68 -5.06 9.66 -39.32
CA ILE A 68 -5.19 10.66 -38.26
C ILE A 68 -5.13 9.95 -36.91
N LYS A 69 -4.18 10.36 -36.08
CA LYS A 69 -3.98 9.75 -34.77
C LYS A 69 -5.09 10.15 -33.82
N ILE A 70 -5.55 9.20 -33.02
CA ILE A 70 -6.49 9.44 -31.93
C ILE A 70 -5.88 8.86 -30.66
N GLN A 71 -5.55 9.72 -29.71
CA GLN A 71 -4.96 9.30 -28.44
C GLN A 71 -6.03 9.23 -27.36
N ASN A 72 -5.86 8.29 -26.44
CA ASN A 72 -6.67 8.21 -25.23
C ASN A 72 -5.77 7.73 -24.10
N THR A 73 -5.33 8.68 -23.26
CA THR A 73 -4.53 8.35 -22.08
C THR A 73 -5.40 7.95 -20.89
N GLY A 74 -6.72 8.04 -21.00
CA GLY A 74 -7.60 7.64 -19.93
C GLY A 74 -8.71 8.63 -19.64
N ASP A 75 -8.65 9.82 -20.25
CA ASP A 75 -9.60 10.88 -19.99
C ASP A 75 -10.58 11.12 -21.12
N TYR A 76 -10.13 11.02 -22.38
CA TYR A 76 -10.98 11.25 -23.54
C TYR A 76 -10.23 10.78 -24.78
N TYR A 77 -10.97 10.63 -25.88
CA TYR A 77 -10.38 10.35 -27.18
C TYR A 77 -9.97 11.66 -27.81
N ASP A 78 -8.67 11.84 -28.04
CA ASP A 78 -8.08 13.10 -28.48
C ASP A 78 -7.68 12.96 -29.94
N LEU A 79 -8.49 13.51 -30.85
CA LEU A 79 -8.19 13.47 -32.28
C LEU A 79 -7.17 14.55 -32.61
N TYR A 80 -6.04 14.15 -33.16
CA TYR A 80 -4.97 15.10 -33.47
C TYR A 80 -5.45 16.09 -34.53
N GLY A 81 -5.25 17.38 -34.24
CA GLY A 81 -5.76 18.41 -35.11
C GLY A 81 -7.27 18.53 -35.14
N GLY A 82 -7.95 17.89 -34.19
CA GLY A 82 -9.40 17.95 -34.10
C GLY A 82 -9.85 18.22 -32.68
N GLU A 83 -10.96 17.60 -32.28
CA GLU A 83 -11.54 17.83 -30.96
C GLU A 83 -11.44 16.56 -30.11
N LYS A 84 -11.89 16.68 -28.87
CA LYS A 84 -11.89 15.60 -27.90
C LYS A 84 -13.29 15.04 -27.73
N PHE A 85 -13.40 13.72 -27.62
CA PHE A 85 -14.70 13.06 -27.69
C PHE A 85 -14.78 11.99 -26.62
N ALA A 86 -16.03 11.61 -26.28
CA ALA A 86 -16.25 10.66 -25.21
C ALA A 86 -16.20 9.22 -25.69
N THR A 87 -16.61 8.96 -26.94
CA THR A 87 -16.49 7.65 -27.56
C THR A 87 -16.07 7.82 -29.01
N LEU A 88 -15.55 6.74 -29.59
CA LEU A 88 -15.24 6.76 -31.01
C LEU A 88 -16.51 6.91 -31.85
N ALA A 89 -17.63 6.35 -31.38
CA ALA A 89 -18.88 6.49 -32.10
C ALA A 89 -19.38 7.92 -32.10
N GLU A 90 -19.26 8.60 -30.95
CA GLU A 90 -19.65 10.01 -30.91
C GLU A 90 -18.72 10.87 -31.75
N LEU A 91 -17.44 10.50 -31.82
CA LEU A 91 -16.51 11.19 -32.71
C LEU A 91 -16.96 11.07 -34.16
N VAL A 92 -17.20 9.84 -34.62
CA VAL A 92 -17.56 9.62 -36.02
C VAL A 92 -18.91 10.27 -36.33
N GLN A 93 -19.86 10.18 -35.40
CA GLN A 93 -21.16 10.82 -35.62
C GLN A 93 -21.02 12.32 -35.78
N TYR A 94 -20.11 12.94 -35.00
CA TYR A 94 -19.94 14.38 -35.07
C TYR A 94 -19.41 14.81 -36.43
N TYR A 95 -18.34 14.17 -36.91
CA TYR A 95 -17.72 14.59 -38.15
C TYR A 95 -18.53 14.18 -39.37
N MET A 96 -19.26 13.06 -39.30
CA MET A 96 -20.17 12.71 -40.38
C MET A 96 -21.33 13.68 -40.50
N GLU A 97 -21.68 14.38 -39.43
CA GLU A 97 -22.80 15.31 -39.43
C GLU A 97 -22.38 16.77 -39.52
N HIS A 98 -21.11 17.08 -39.29
CA HIS A 98 -20.59 18.44 -39.39
C HIS A 98 -19.55 18.45 -40.50
N HIS A 99 -19.93 19.02 -41.65
CA HIS A 99 -19.27 18.75 -42.92
C HIS A 99 -17.80 19.16 -42.89
N GLY A 100 -17.51 20.38 -42.44
CA GLY A 100 -16.17 20.92 -42.62
C GLY A 100 -15.36 21.15 -41.37
N GLN A 101 -15.53 20.29 -40.37
CA GLN A 101 -14.77 20.44 -39.12
C GLN A 101 -13.45 19.69 -39.15
N LEU A 102 -13.45 18.46 -39.65
CA LEU A 102 -12.23 17.65 -39.65
C LEU A 102 -11.20 18.24 -40.60
N LYS A 103 -9.97 18.34 -40.14
CA LYS A 103 -8.90 18.96 -40.93
C LYS A 103 -7.59 18.18 -40.82
N ASN A 106 -2.68 20.84 -42.84
CA ASN A 106 -2.60 22.11 -43.54
C ASN A 106 -3.91 22.87 -43.45
N GLY A 107 -4.74 22.51 -42.47
CA GLY A 107 -6.09 23.04 -42.43
C GLY A 107 -6.99 22.52 -43.53
N ASP A 108 -6.57 21.44 -44.21
CA ASP A 108 -7.31 20.91 -45.34
C ASP A 108 -8.50 20.09 -44.85
N VAL A 109 -9.67 20.36 -45.42
CA VAL A 109 -10.90 19.69 -44.96
C VAL A 109 -10.85 18.22 -45.34
N ILE A 110 -11.14 17.36 -44.36
CA ILE A 110 -11.29 15.92 -44.58
C ILE A 110 -12.74 15.56 -44.31
N GLU A 111 -13.37 14.89 -45.27
CA GLU A 111 -14.77 14.52 -45.18
C GLU A 111 -14.90 13.04 -44.83
N LEU A 112 -15.64 12.75 -43.76
CA LEU A 112 -16.07 11.38 -43.45
C LEU A 112 -17.42 11.18 -44.09
N LYS A 113 -17.46 10.43 -45.19
CA LYS A 113 -18.69 10.20 -45.94
C LYS A 113 -19.15 8.75 -45.90
N TYR A 114 -18.27 7.81 -46.23
CA TYR A 114 -18.66 6.42 -46.42
C TYR A 114 -17.94 5.50 -45.45
N PRO A 115 -18.60 5.00 -44.40
CA PRO A 115 -17.97 4.00 -43.54
C PRO A 115 -17.67 2.73 -44.33
N LEU A 116 -16.40 2.32 -44.30
CA LEU A 116 -15.99 1.06 -44.91
C LEU A 116 -16.20 -0.04 -43.89
N ASN A 117 -17.18 -0.91 -44.13
CA ASN A 117 -17.65 -1.84 -43.12
C ASN A 117 -16.69 -3.01 -42.93
N CYS A 118 -16.50 -3.40 -41.68
CA CYS A 118 -15.66 -4.53 -41.34
C CYS A 118 -16.47 -5.82 -41.41
N ALA A 119 -15.84 -6.89 -41.92
CA ALA A 119 -16.45 -8.20 -41.96
C ALA A 119 -15.98 -9.10 -40.83
N ASP A 120 -14.91 -8.73 -40.13
CA ASP A 120 -14.42 -9.51 -39.01
C ASP A 120 -15.48 -9.58 -37.91
N PRO A 121 -15.89 -10.77 -37.47
CA PRO A 121 -16.84 -10.89 -36.37
C PRO A 121 -16.21 -10.89 -34.98
N THR A 122 -14.95 -10.47 -34.85
CA THR A 122 -14.23 -10.60 -33.59
C THR A 122 -14.95 -9.90 -32.45
N SER A 123 -15.51 -8.72 -32.70
CA SER A 123 -16.05 -7.90 -31.64
C SER A 123 -17.54 -8.12 -31.39
N GLU A 124 -18.14 -9.13 -32.02
CA GLU A 124 -19.56 -9.40 -31.83
C GLU A 124 -19.79 -10.19 -30.54
N ARG A 125 -20.86 -9.85 -29.83
CA ARG A 125 -21.17 -10.54 -28.58
C ARG A 125 -21.43 -12.02 -28.80
N TRP A 126 -21.99 -12.38 -29.95
CA TRP A 126 -22.43 -13.75 -30.20
C TRP A 126 -21.37 -14.63 -30.86
N PHE A 127 -20.25 -14.07 -31.29
CA PHE A 127 -19.22 -14.85 -31.96
C PHE A 127 -18.18 -15.33 -30.95
N HIS A 128 -17.78 -16.59 -31.08
CA HIS A 128 -16.85 -17.20 -30.14
C HIS A 128 -15.62 -17.81 -30.79
N LEU A 131 -14.91 -23.19 -30.44
CA LEU A 131 -15.84 -23.59 -29.40
C LEU A 131 -16.49 -24.89 -29.81
N SER A 132 -16.42 -25.90 -28.95
CA SER A 132 -16.97 -27.20 -29.27
C SER A 132 -18.49 -27.15 -29.35
N GLY A 133 -19.05 -28.12 -30.06
CA GLY A 133 -20.50 -28.28 -30.06
C GLY A 133 -21.03 -28.77 -28.72
N LYS A 134 -20.25 -29.57 -28.01
CA LYS A 134 -20.63 -30.00 -26.67
C LYS A 134 -20.55 -28.83 -25.70
N GLU A 135 -19.46 -28.07 -25.74
CA GLU A 135 -19.31 -26.93 -24.84
C GLU A 135 -20.36 -25.87 -25.10
N ALA A 136 -20.65 -25.60 -26.38
CA ALA A 136 -21.71 -24.65 -26.72
C ALA A 136 -23.05 -25.11 -26.17
N GLU A 137 -23.32 -26.42 -26.26
CA GLU A 137 -24.53 -26.95 -25.64
C GLU A 137 -24.49 -26.78 -24.13
N LYS A 138 -23.31 -26.96 -23.52
CA LYS A 138 -23.17 -26.77 -22.08
C LYS A 138 -23.48 -25.34 -21.68
N LEU A 139 -22.87 -24.37 -22.36
CA LEU A 139 -23.10 -22.97 -22.04
C LEU A 139 -24.56 -22.58 -22.25
N LEU A 140 -25.13 -22.96 -23.39
CA LEU A 140 -26.54 -22.67 -23.65
C LEU A 140 -27.45 -23.40 -22.67
N THR A 141 -27.02 -24.58 -22.21
CA THR A 141 -27.77 -25.31 -21.19
C THR A 141 -27.85 -24.52 -19.89
N GLU A 142 -26.71 -24.03 -19.40
CA GLU A 142 -26.60 -23.52 -18.04
C GLU A 142 -27.06 -22.08 -17.91
N LYS A 143 -26.52 -21.18 -18.73
CA LYS A 143 -26.87 -19.76 -18.64
C LYS A 143 -27.67 -19.28 -19.84
N GLY A 144 -28.15 -20.19 -20.69
CA GLY A 144 -28.93 -19.79 -21.84
C GLY A 144 -30.42 -19.70 -21.55
N LYS A 145 -31.10 -18.90 -22.37
CA LYS A 145 -32.54 -18.67 -22.27
C LYS A 145 -33.16 -18.91 -23.64
N HIS A 146 -34.48 -18.78 -23.73
CA HIS A 146 -35.15 -18.91 -25.02
C HIS A 146 -34.68 -17.81 -25.96
N GLY A 147 -34.19 -18.22 -27.14
CA GLY A 147 -33.68 -17.28 -28.11
C GLY A 147 -32.20 -16.95 -27.96
N SER A 148 -31.54 -17.46 -26.92
CA SER A 148 -30.11 -17.25 -26.79
C SER A 148 -29.37 -18.02 -27.88
N PHE A 149 -28.36 -17.39 -28.46
CA PHE A 149 -27.67 -17.97 -29.60
C PHE A 149 -26.20 -17.57 -29.59
N LEU A 150 -25.41 -18.33 -30.33
CA LEU A 150 -24.00 -18.04 -30.54
C LEU A 150 -23.57 -18.56 -31.90
N VAL A 151 -22.44 -18.05 -32.39
CA VAL A 151 -21.84 -18.49 -33.64
C VAL A 151 -20.42 -18.94 -33.33
N ARG A 152 -20.08 -20.16 -33.76
CA ARG A 152 -18.78 -20.73 -33.51
C ARG A 152 -18.23 -21.33 -34.80
N GLU A 153 -16.91 -21.55 -34.82
CA GLU A 153 -16.29 -22.23 -35.94
C GLU A 153 -16.72 -23.69 -35.97
N SER A 154 -16.92 -24.22 -37.17
CA SER A 154 -17.42 -25.58 -37.31
C SER A 154 -16.39 -26.59 -36.81
N GLN A 155 -16.90 -27.71 -36.30
CA GLN A 155 -16.04 -28.76 -35.76
C GLN A 155 -15.26 -29.46 -36.87
N SER A 156 -15.98 -30.10 -37.78
CA SER A 156 -15.33 -30.89 -38.82
C SER A 156 -14.87 -30.02 -39.99
N HIS A 157 -15.76 -29.19 -40.51
CA HIS A 157 -15.47 -28.43 -41.72
C HIS A 157 -14.74 -27.14 -41.38
N PRO A 158 -13.46 -27.01 -41.71
CA PRO A 158 -12.76 -25.75 -41.42
C PRO A 158 -13.21 -24.64 -42.34
N GLY A 159 -13.24 -23.42 -41.80
CA GLY A 159 -13.78 -22.28 -42.50
C GLY A 159 -15.28 -22.14 -42.44
N ASP A 160 -16.00 -23.21 -42.14
CA ASP A 160 -17.44 -23.16 -41.92
C ASP A 160 -17.74 -22.78 -40.48
N PHE A 161 -19.01 -22.47 -40.21
CA PHE A 161 -19.42 -22.03 -38.89
C PHE A 161 -20.71 -22.71 -38.51
N VAL A 162 -21.07 -22.59 -37.23
CA VAL A 162 -22.29 -23.16 -36.68
C VAL A 162 -23.03 -22.08 -35.90
N LEU A 163 -24.33 -21.96 -36.14
CA LEU A 163 -25.20 -21.10 -35.34
C LEU A 163 -25.97 -22.00 -34.39
N SER A 164 -25.69 -21.88 -33.10
CA SER A 164 -26.35 -22.67 -32.07
C SER A 164 -27.37 -21.79 -31.36
N VAL A 165 -28.63 -22.21 -31.38
CA VAL A 165 -29.74 -21.44 -30.83
C VAL A 165 -30.48 -22.29 -29.81
N ARG A 166 -30.84 -21.68 -28.68
CA ARG A 166 -31.66 -22.33 -27.67
C ARG A 166 -33.11 -21.88 -27.83
N THR A 167 -34.02 -22.84 -27.91
CA THR A 167 -35.45 -22.57 -27.98
C THR A 167 -36.16 -23.41 -26.94
N GLY A 168 -37.31 -22.92 -26.49
CA GLY A 168 -38.11 -23.64 -25.52
C GLY A 168 -38.86 -22.67 -24.62
N ASN A 175 -34.62 -29.19 -16.92
CA ASN A 175 -34.03 -30.19 -17.79
C ASN A 175 -34.98 -31.36 -18.01
N ASP A 176 -36.08 -31.08 -18.71
CA ASP A 176 -37.13 -32.07 -18.93
C ASP A 176 -37.51 -32.21 -20.40
N GLY A 177 -36.76 -31.62 -21.32
CA GLY A 177 -37.07 -31.69 -22.73
C GLY A 177 -37.99 -30.60 -23.24
N LYS A 178 -38.36 -29.64 -22.39
CA LYS A 178 -39.16 -28.51 -22.85
C LYS A 178 -38.33 -27.46 -23.56
N SER A 179 -37.01 -27.56 -23.50
CA SER A 179 -36.11 -26.67 -24.23
C SER A 179 -35.09 -27.51 -24.97
N LYS A 180 -34.54 -26.93 -26.04
CA LYS A 180 -33.60 -27.64 -26.90
C LYS A 180 -32.54 -26.66 -27.42
N VAL A 181 -31.47 -27.23 -27.95
CA VAL A 181 -30.42 -26.46 -28.62
C VAL A 181 -30.33 -26.95 -30.05
N THR A 182 -30.61 -26.06 -31.00
CA THR A 182 -30.57 -26.39 -32.42
C THR A 182 -29.31 -25.82 -33.05
N HIS A 183 -28.59 -26.67 -33.77
CA HIS A 183 -27.39 -26.26 -34.49
C HIS A 183 -27.72 -26.09 -35.97
N VAL A 184 -27.26 -24.98 -36.54
CA VAL A 184 -27.49 -24.65 -37.95
C VAL A 184 -26.14 -24.41 -38.58
N MET A 185 -25.82 -25.19 -39.62
CA MET A 185 -24.52 -25.10 -40.27
C MET A 185 -24.46 -23.88 -41.17
N ILE A 186 -23.37 -23.12 -41.05
CA ILE A 186 -23.12 -21.95 -41.89
C ILE A 186 -21.92 -22.29 -42.77
N ARG A 187 -22.18 -22.47 -44.06
CA ARG A 187 -21.13 -22.78 -45.01
C ARG A 187 -20.48 -21.50 -45.52
N CYS A 188 -19.16 -21.52 -45.62
CA CYS A 188 -18.40 -20.43 -46.24
C CYS A 188 -17.98 -20.88 -47.63
N GLN A 189 -18.54 -20.23 -48.65
CA GLN A 189 -18.27 -20.56 -50.05
C GLN A 189 -17.88 -19.29 -50.76
N GLU A 190 -16.62 -19.23 -51.22
CA GLU A 190 -16.09 -18.06 -51.92
C GLU A 190 -16.26 -16.79 -51.10
N LEU A 191 -15.93 -16.88 -49.81
CA LEU A 191 -16.00 -15.76 -48.87
C LEU A 191 -17.43 -15.22 -48.72
N LYS A 192 -18.43 -16.07 -48.89
CA LYS A 192 -19.81 -15.73 -48.61
C LYS A 192 -20.44 -16.84 -47.78
N TYR A 193 -21.37 -16.46 -46.90
CA TYR A 193 -21.91 -17.37 -45.91
C TYR A 193 -23.40 -17.59 -46.14
N ASP A 194 -23.85 -18.81 -45.84
CA ASP A 194 -25.23 -19.21 -46.04
C ASP A 194 -25.54 -20.39 -45.15
N VAL A 195 -26.84 -20.62 -44.92
CA VAL A 195 -27.28 -21.71 -44.05
C VAL A 195 -27.83 -22.86 -44.89
N GLY A 196 -27.19 -23.11 -46.04
CA GLY A 196 -27.59 -24.20 -46.90
C GLY A 196 -28.52 -23.83 -48.03
N GLY A 197 -28.98 -22.59 -48.10
CA GLY A 197 -29.88 -22.17 -49.14
C GLY A 197 -30.31 -20.74 -48.90
N GLY A 198 -30.86 -20.14 -49.95
CA GLY A 198 -31.34 -18.78 -49.87
C GLY A 198 -30.29 -17.74 -50.20
N GLU A 199 -30.18 -16.71 -49.35
CA GLU A 199 -29.25 -15.63 -49.59
C GLU A 199 -27.83 -16.02 -49.21
N ARG A 200 -26.87 -15.35 -49.83
CA ARG A 200 -25.46 -15.50 -49.51
C ARG A 200 -24.93 -14.17 -49.02
N PHE A 201 -24.27 -14.17 -47.86
CA PHE A 201 -23.93 -12.95 -47.14
C PHE A 201 -22.43 -12.71 -47.14
N ASP A 202 -22.05 -11.44 -47.17
CA ASP A 202 -20.65 -11.05 -47.16
C ASP A 202 -19.99 -11.22 -45.79
N SER A 203 -20.77 -11.39 -44.73
CA SER A 203 -20.21 -11.48 -43.39
C SER A 203 -21.18 -12.23 -42.49
N LEU A 204 -20.62 -12.83 -41.43
CA LEU A 204 -21.45 -13.48 -40.42
C LEU A 204 -22.39 -12.49 -39.77
N THR A 205 -21.98 -11.23 -39.65
CA THR A 205 -22.85 -10.21 -39.07
C THR A 205 -24.10 -10.01 -39.91
N ASP A 206 -23.93 -9.84 -41.21
CA ASP A 206 -25.08 -9.67 -42.09
C ASP A 206 -25.98 -10.91 -42.05
N LEU A 207 -25.39 -12.10 -41.98
CA LEU A 207 -26.17 -13.33 -41.89
C LEU A 207 -27.00 -13.34 -40.61
N VAL A 208 -26.36 -13.07 -39.47
CA VAL A 208 -27.07 -13.05 -38.20
C VAL A 208 -28.14 -11.95 -38.21
N GLU A 209 -27.78 -10.77 -38.72
CA GLU A 209 -28.74 -9.67 -38.79
C GLU A 209 -29.97 -10.05 -39.61
N HIS A 210 -29.77 -10.77 -40.72
CA HIS A 210 -30.90 -11.13 -41.57
C HIS A 210 -31.79 -12.15 -40.89
N TYR A 211 -31.21 -13.19 -40.31
CA TYR A 211 -32.00 -14.22 -39.65
C TYR A 211 -32.46 -13.82 -38.26
N LYS A 212 -31.98 -12.68 -37.75
CA LYS A 212 -32.62 -12.07 -36.60
C LYS A 212 -33.99 -11.52 -36.97
N LYS A 213 -34.08 -10.83 -38.10
CA LYS A 213 -35.33 -10.21 -38.52
C LYS A 213 -36.26 -11.22 -39.20
N ASN A 214 -35.71 -12.12 -40.01
CA ASN A 214 -36.46 -13.15 -40.71
C ASN A 214 -36.01 -14.50 -40.18
N PRO A 215 -36.53 -14.92 -39.03
CA PRO A 215 -36.01 -16.13 -38.37
C PRO A 215 -36.32 -17.38 -39.16
N MET A 216 -35.39 -18.34 -39.11
CA MET A 216 -35.61 -19.64 -39.72
C MET A 216 -36.75 -20.36 -39.01
N VAL A 217 -37.49 -21.14 -39.78
CA VAL A 217 -38.58 -21.97 -39.27
C VAL A 217 -38.30 -23.41 -39.62
N GLU A 218 -38.38 -24.30 -38.62
CA GLU A 218 -38.17 -25.71 -38.88
C GLU A 218 -39.40 -26.30 -39.56
N THR A 219 -39.23 -27.51 -40.11
CA THR A 219 -40.31 -28.15 -40.86
C THR A 219 -41.54 -28.34 -40.00
N LEU A 220 -41.36 -28.70 -38.73
CA LEU A 220 -42.48 -28.95 -37.84
C LEU A 220 -42.93 -27.71 -37.08
N GLY A 221 -42.37 -26.54 -37.38
CA GLY A 221 -42.93 -25.28 -36.95
C GLY A 221 -42.08 -24.47 -35.98
N THR A 222 -41.01 -25.04 -35.44
CA THR A 222 -40.20 -24.31 -34.46
C THR A 222 -39.52 -23.11 -35.12
N VAL A 223 -39.69 -21.94 -34.53
CA VAL A 223 -39.09 -20.72 -35.04
C VAL A 223 -37.78 -20.48 -34.30
N LEU A 224 -36.67 -20.49 -35.05
CA LEU A 224 -35.34 -20.28 -34.49
C LEU A 224 -35.10 -18.78 -34.29
N GLN A 225 -35.76 -18.24 -33.27
CA GLN A 225 -35.64 -16.82 -32.97
C GLN A 225 -34.27 -16.51 -32.39
N LEU A 226 -33.58 -15.55 -32.99
CA LEU A 226 -32.28 -15.08 -32.48
C LEU A 226 -32.55 -13.87 -31.58
N LYS A 227 -32.91 -14.16 -30.33
CA LYS A 227 -33.42 -13.13 -29.43
C LYS A 227 -32.28 -12.31 -28.83
N GLN A 228 -31.28 -12.96 -28.25
CA GLN A 228 -30.18 -12.25 -27.63
C GLN A 228 -28.95 -13.15 -27.65
N PRO A 229 -27.75 -12.57 -27.71
CA PRO A 229 -26.54 -13.39 -27.61
C PRO A 229 -26.48 -14.07 -26.26
N LEU A 230 -25.84 -15.25 -26.24
CA LEU A 230 -25.63 -15.95 -24.98
C LEU A 230 -24.66 -15.16 -24.12
N ASN A 231 -25.11 -14.79 -22.92
CA ASN A 231 -24.22 -14.12 -21.98
C ASN A 231 -23.09 -15.06 -21.61
N THR A 232 -21.85 -14.56 -21.71
CA THR A 232 -20.69 -15.30 -21.27
C THR A 232 -19.83 -14.50 -20.29
N THR A 233 -20.27 -13.29 -19.92
CA THR A 233 -19.48 -12.41 -19.08
C THR A 233 -19.97 -12.36 -17.63
N ARG A 234 -21.23 -12.73 -17.38
CA ARG A 234 -21.73 -12.79 -16.01
C ARG A 234 -21.19 -14.05 -15.34
N ILE A 235 -20.49 -13.89 -14.23
CA ILE A 235 -19.87 -14.99 -13.52
C ILE A 235 -20.09 -14.81 -12.03
N ASN A 236 -20.01 -15.93 -11.30
CA ASN A 236 -20.08 -15.90 -9.86
C ASN A 236 -18.84 -15.22 -9.29
N ALA A 237 -19.02 -14.46 -8.21
CA ALA A 237 -17.93 -13.65 -7.66
C ALA A 237 -16.71 -14.49 -7.33
N ALA A 238 -16.89 -15.74 -6.89
CA ALA A 238 -15.75 -16.58 -6.55
C ALA A 238 -14.97 -17.03 -7.78
N GLU A 239 -15.56 -16.94 -8.97
CA GLU A 239 -14.89 -17.35 -10.20
C GLU A 239 -14.08 -16.22 -10.83
N ILE A 240 -14.02 -15.05 -10.20
CA ILE A 240 -13.40 -13.89 -10.85
C ILE A 240 -11.91 -14.11 -11.03
N GLU A 241 -11.26 -14.74 -10.05
CA GLU A 241 -9.82 -14.98 -10.16
C GLU A 241 -9.52 -15.92 -11.32
N SER A 242 -10.31 -16.98 -11.47
CA SER A 242 -10.15 -17.88 -12.61
C SER A 242 -10.39 -17.15 -13.93
N ARG A 243 -11.42 -16.30 -13.96
CA ARG A 243 -11.73 -15.56 -15.19
C ARG A 243 -10.62 -14.57 -15.53
N VAL A 244 -10.08 -13.88 -14.51
CA VAL A 244 -8.99 -12.95 -14.75
C VAL A 244 -7.76 -13.67 -15.27
N ARG A 245 -7.46 -14.85 -14.70
CA ARG A 245 -6.38 -15.67 -15.21
C ARG A 245 -6.61 -16.05 -16.67
N GLU A 246 -7.85 -16.38 -17.02
CA GLU A 246 -8.17 -16.74 -18.40
C GLU A 246 -8.02 -15.54 -19.33
N LEU A 247 -8.53 -14.37 -18.92
CA LEU A 247 -8.45 -13.18 -19.76
C LEU A 247 -7.02 -12.70 -19.94
N SER A 248 -6.11 -13.06 -19.04
CA SER A 248 -4.74 -12.59 -19.10
C SER A 248 -3.81 -13.48 -19.91
N LYS A 249 -4.27 -14.66 -20.32
CA LYS A 249 -3.44 -15.60 -21.08
C LYS A 249 -2.93 -14.98 -22.38
N GLN A 259 -5.20 -11.95 -26.60
CA GLN A 259 -5.55 -11.85 -25.19
C GLN A 259 -7.07 -11.74 -25.01
N GLY A 260 -7.59 -12.37 -23.95
CA GLY A 260 -9.01 -12.34 -23.70
C GLY A 260 -9.50 -10.99 -23.23
N PHE A 261 -8.66 -10.24 -22.50
CA PHE A 261 -9.05 -8.92 -22.04
C PHE A 261 -9.35 -7.99 -23.20
N TRP A 262 -8.46 -7.97 -24.20
CA TRP A 262 -8.64 -7.07 -25.34
C TRP A 262 -9.86 -7.46 -26.17
N GLU A 263 -10.09 -8.76 -26.33
CA GLU A 263 -11.26 -9.20 -27.10
C GLU A 263 -12.55 -8.84 -26.37
N GLU A 264 -12.58 -9.03 -25.04
CA GLU A 264 -13.80 -8.70 -24.30
C GLU A 264 -14.05 -7.20 -24.27
N PHE A 265 -12.98 -6.40 -24.09
CA PHE A 265 -13.17 -4.95 -24.04
C PHE A 265 -13.66 -4.41 -25.37
N GLU A 266 -13.08 -4.87 -26.48
CA GLU A 266 -13.51 -4.38 -27.79
C GLU A 266 -14.90 -4.87 -28.14
N THR A 267 -15.29 -6.06 -27.67
CA THR A 267 -16.68 -6.48 -27.82
C THR A 267 -17.60 -5.54 -27.06
N LEU A 268 -17.16 -5.06 -25.90
CA LEU A 268 -17.92 -4.04 -25.18
C LEU A 268 -17.95 -2.73 -25.96
N GLN A 269 -16.81 -2.33 -26.53
CA GLN A 269 -16.74 -1.06 -27.23
C GLN A 269 -17.66 -1.02 -28.45
N GLN A 270 -17.86 -2.17 -29.10
CA GLN A 270 -18.75 -2.20 -30.26
C GLN A 270 -20.18 -1.83 -29.88
N GLN A 271 -20.60 -2.17 -28.66
CA GLN A 271 -21.96 -1.87 -28.23
C GLN A 271 -22.19 -0.39 -27.94
N GLU A 272 -21.16 0.46 -28.04
CA GLU A 272 -21.35 1.87 -27.76
C GLU A 272 -22.23 2.57 -28.79
N CYS A 273 -22.40 1.98 -29.97
CA CYS A 273 -23.27 2.55 -31.00
CA CYS A 273 -23.26 2.59 -30.97
C CYS A 273 -24.74 2.52 -30.61
N LYS A 274 -25.10 1.75 -29.58
CA LYS A 274 -26.47 1.72 -29.08
C LYS A 274 -26.76 2.88 -28.14
N LEU A 275 -25.78 3.72 -27.85
CA LEU A 275 -25.87 4.72 -26.77
C LEU A 275 -25.67 6.14 -27.29
N LEU A 276 -26.03 6.41 -28.54
CA LEU A 276 -25.88 7.74 -29.10
C LEU A 276 -27.14 8.58 -28.85
N TYR A 277 -27.45 8.74 -27.57
CA TYR A 277 -28.61 9.50 -27.16
C TYR A 277 -28.35 11.01 -27.31
N SER A 278 -29.44 11.77 -27.30
CA SER A 278 -29.36 13.19 -27.60
C SER A 278 -28.64 13.95 -26.48
N ARG A 279 -27.89 14.97 -26.88
CA ARG A 279 -27.19 15.88 -25.97
C ARG A 279 -27.41 17.32 -26.42
N LYS A 280 -28.67 17.66 -26.71
CA LYS A 280 -28.96 18.96 -27.31
C LYS A 280 -28.75 20.10 -26.32
N GLU A 281 -29.15 19.92 -25.06
CA GLU A 281 -29.04 21.00 -24.09
C GLU A 281 -27.61 21.48 -23.94
N GLY A 282 -26.66 20.54 -23.94
CA GLY A 282 -25.25 20.92 -23.86
C GLY A 282 -24.74 21.66 -25.07
N GLN A 283 -25.43 21.54 -26.21
CA GLN A 283 -25.01 22.18 -27.44
C GLN A 283 -25.59 23.58 -27.62
N ARG A 284 -26.51 24.00 -26.76
CA ARG A 284 -27.09 25.33 -26.88
C ARG A 284 -26.01 26.40 -26.68
N GLN A 285 -26.21 27.53 -27.35
CA GLN A 285 -25.21 28.61 -27.33
C GLN A 285 -24.89 29.05 -25.91
N GLU A 286 -25.92 29.17 -25.06
CA GLU A 286 -25.71 29.66 -23.70
C GLU A 286 -24.94 28.68 -22.83
N ASN A 287 -24.84 27.41 -23.23
CA ASN A 287 -24.20 26.38 -22.43
C ASN A 287 -22.85 25.94 -22.97
N LYS A 288 -22.46 26.38 -24.17
CA LYS A 288 -21.22 25.92 -24.78
C LYS A 288 -20.02 26.16 -23.85
N ASN A 289 -19.96 27.34 -23.23
CA ASN A 289 -18.85 27.69 -22.36
C ASN A 289 -18.94 27.07 -20.97
N LYS A 290 -20.00 26.31 -20.69
CA LYS A 290 -20.11 25.60 -19.42
C LYS A 290 -19.54 24.19 -19.51
N ASN A 291 -18.95 23.81 -20.64
CA ASN A 291 -18.38 22.49 -20.85
C ASN A 291 -16.87 22.60 -20.93
N ARG A 292 -16.18 21.78 -20.15
CA ARG A 292 -14.72 21.74 -20.23
C ARG A 292 -14.26 21.35 -21.62
N TYR A 293 -14.98 20.43 -22.26
CA TYR A 293 -14.68 19.99 -23.62
C TYR A 293 -15.98 20.06 -24.41
N LYS A 294 -15.98 20.85 -25.49
CA LYS A 294 -17.22 21.24 -26.15
C LYS A 294 -18.03 20.06 -26.67
N ASN A 295 -17.40 18.92 -26.95
CA ASN A 295 -18.09 17.77 -27.51
C ASN A 295 -18.31 16.65 -26.51
N ILE A 296 -17.91 16.82 -25.26
CA ILE A 296 -18.17 15.85 -24.20
C ILE A 296 -19.30 16.41 -23.36
N LEU A 297 -20.51 15.88 -23.57
CA LEU A 297 -21.73 16.49 -23.08
C LEU A 297 -22.59 15.49 -22.34
N PRO A 298 -23.45 15.95 -21.43
CA PRO A 298 -24.36 15.03 -20.74
C PRO A 298 -25.57 14.69 -21.60
N PHE A 299 -26.01 13.43 -21.48
CA PHE A 299 -27.25 13.02 -22.10
C PHE A 299 -28.40 13.85 -21.56
N ASP A 300 -29.31 14.26 -22.45
CA ASP A 300 -30.44 15.06 -22.02
C ASP A 300 -31.30 14.33 -20.99
N HIS A 301 -31.51 13.03 -21.19
CA HIS A 301 -32.49 12.32 -20.37
C HIS A 301 -31.98 11.97 -18.98
N THR A 302 -30.67 12.04 -18.74
CA THR A 302 -30.12 11.81 -17.40
C THR A 302 -29.37 13.00 -16.83
N ARG A 303 -29.31 14.12 -17.55
CA ARG A 303 -28.56 15.28 -17.07
C ARG A 303 -29.18 15.83 -15.80
N VAL A 304 -28.32 16.41 -14.95
CA VAL A 304 -28.80 17.10 -13.76
C VAL A 304 -29.39 18.43 -14.17
N VAL A 305 -30.66 18.65 -13.85
CA VAL A 305 -31.36 19.89 -14.17
C VAL A 305 -31.32 20.79 -12.94
N LEU A 306 -30.74 21.98 -13.09
CA LEU A 306 -30.63 22.93 -12.00
C LEU A 306 -31.88 23.80 -11.94
N HIS A 307 -32.62 23.72 -10.85
CA HIS A 307 -33.85 24.48 -10.69
C HIS A 307 -33.62 25.70 -9.80
N ASP A 308 -34.62 26.59 -9.77
CA ASP A 308 -34.62 27.77 -8.91
C ASP A 308 -33.41 28.66 -9.17
N GLY A 309 -33.13 28.90 -10.45
CA GLY A 309 -31.99 29.71 -10.84
C GLY A 309 -32.32 31.20 -10.86
N ASP A 310 -31.30 31.98 -11.21
CA ASP A 310 -31.45 33.42 -11.33
C ASP A 310 -32.45 33.74 -12.44
N VAL A 315 -30.80 30.93 -19.69
CA VAL A 315 -30.56 29.51 -19.49
C VAL A 315 -29.70 29.35 -18.23
N SER A 316 -30.31 28.92 -17.13
CA SER A 316 -29.63 28.75 -15.86
C SER A 316 -29.80 27.36 -15.28
N ASP A 317 -30.28 26.39 -16.06
CA ASP A 317 -30.60 25.07 -15.56
C ASP A 317 -29.55 24.02 -15.94
N TYR A 318 -28.44 24.43 -16.54
CA TYR A 318 -27.51 23.49 -17.14
C TYR A 318 -26.25 23.34 -16.29
N ILE A 319 -25.78 22.10 -16.20
CA ILE A 319 -24.45 21.77 -15.72
C ILE A 319 -24.03 20.47 -16.39
N ASN A 320 -22.75 20.38 -16.75
CA ASN A 320 -22.26 19.15 -17.37
C ASN A 320 -22.15 18.05 -16.32
N ALA A 321 -23.25 17.32 -16.11
CA ALA A 321 -23.33 16.32 -15.06
C ALA A 321 -24.52 15.42 -15.35
N ASN A 322 -24.40 14.16 -14.93
CA ASN A 322 -25.44 13.17 -15.12
C ASN A 322 -25.67 12.38 -13.84
N ILE A 323 -26.94 12.09 -13.56
CA ILE A 323 -27.28 11.12 -12.54
C ILE A 323 -26.88 9.73 -13.04
N ILE A 324 -26.22 8.96 -12.19
CA ILE A 324 -25.91 7.56 -12.48
C ILE A 324 -26.62 6.69 -11.45
N MET A 325 -27.54 5.85 -11.92
CA MET A 325 -28.24 4.90 -11.07
C MET A 325 -27.79 3.49 -11.39
N PRO A 326 -27.45 2.68 -10.38
CA PRO A 326 -27.11 1.27 -10.58
C PRO A 326 -28.28 0.48 -11.14
N PRO A 337 -30.64 -1.01 -0.33
CA PRO A 337 -30.82 0.34 -0.88
C PRO A 337 -29.50 0.95 -1.38
N LYS A 338 -29.22 0.75 -2.66
CA LYS A 338 -27.97 1.20 -3.24
C LYS A 338 -27.91 2.72 -3.33
N LYS A 339 -26.68 3.25 -3.28
CA LYS A 339 -26.46 4.67 -3.52
C LYS A 339 -26.46 4.95 -5.03
N SER A 340 -26.79 6.18 -5.37
CA SER A 340 -26.67 6.67 -6.74
C SER A 340 -25.52 7.67 -6.81
N TYR A 341 -25.22 8.11 -8.03
CA TYR A 341 -24.07 8.97 -8.24
C TYR A 341 -24.43 10.12 -9.16
N ILE A 342 -23.68 11.22 -9.03
CA ILE A 342 -23.61 12.26 -10.03
C ILE A 342 -22.20 12.24 -10.61
N ALA A 343 -22.09 11.94 -11.90
CA ALA A 343 -20.83 11.99 -12.61
C ALA A 343 -20.75 13.32 -13.34
N THR A 344 -19.70 14.09 -13.05
CA THR A 344 -19.58 15.44 -13.57
C THR A 344 -18.13 15.75 -13.88
N GLN A 345 -17.92 16.88 -14.55
CA GLN A 345 -16.61 17.35 -14.95
C GLN A 345 -15.95 18.13 -13.82
N GLY A 346 -14.64 18.33 -13.96
CA GLY A 346 -13.96 19.28 -13.09
C GLY A 346 -14.46 20.70 -13.36
N CYS A 347 -14.64 21.46 -12.27
CA CYS A 347 -15.24 22.77 -12.39
C CYS A 347 -14.40 23.69 -13.27
N LEU A 348 -15.09 24.51 -14.05
CA LEU A 348 -14.49 25.70 -14.64
C LEU A 348 -14.72 26.87 -13.70
N GLN A 349 -14.01 27.97 -13.95
CA GLN A 349 -14.21 29.17 -13.14
C GLN A 349 -15.65 29.64 -13.21
N ASN A 350 -16.27 29.55 -14.39
CA ASN A 350 -17.62 30.04 -14.60
C ASN A 350 -18.70 29.00 -14.29
N THR A 351 -18.33 27.85 -13.73
CA THR A 351 -19.31 26.83 -13.34
C THR A 351 -19.20 26.44 -11.87
N VAL A 352 -18.39 27.15 -11.08
CA VAL A 352 -18.25 26.83 -9.66
C VAL A 352 -19.58 27.04 -8.94
N ASN A 353 -20.23 28.17 -9.20
CA ASN A 353 -21.52 28.45 -8.56
C ASN A 353 -22.56 27.39 -8.93
N ASP A 354 -22.59 26.98 -10.19
CA ASP A 354 -23.52 25.93 -10.61
C ASP A 354 -23.22 24.62 -9.91
N PHE A 355 -21.93 24.31 -9.71
CA PHE A 355 -21.54 23.10 -9.02
C PHE A 355 -22.16 23.04 -7.63
N TRP A 356 -22.04 24.13 -6.87
CA TRP A 356 -22.58 24.14 -5.51
C TRP A 356 -24.10 24.17 -5.52
N ARG A 357 -24.70 24.84 -6.50
CA ARG A 357 -26.14 24.75 -6.70
C ARG A 357 -26.56 23.30 -6.87
N MET A 358 -25.81 22.54 -7.68
CA MET A 358 -26.11 21.12 -7.89
C MET A 358 -25.98 20.34 -6.58
N VAL A 359 -24.85 20.50 -5.89
CA VAL A 359 -24.60 19.75 -4.66
C VAL A 359 -25.71 20.02 -3.64
N PHE A 360 -26.10 21.28 -3.50
CA PHE A 360 -27.17 21.63 -2.57
C PHE A 360 -28.50 21.03 -3.00
N GLN A 361 -28.86 21.23 -4.28
CA GLN A 361 -30.18 20.82 -4.74
C GLN A 361 -30.38 19.31 -4.64
N GLU A 362 -29.36 18.54 -4.97
CA GLU A 362 -29.46 17.09 -4.97
C GLU A 362 -29.19 16.49 -3.59
N ASN A 363 -28.94 17.31 -2.57
CA ASN A 363 -28.73 16.86 -1.20
C ASN A 363 -27.51 15.95 -1.09
N SER A 364 -26.52 16.17 -1.94
CA SER A 364 -25.29 15.39 -1.91
C SER A 364 -24.48 15.72 -0.66
N ARG A 365 -24.02 14.70 0.04
CA ARG A 365 -23.21 14.88 1.24
C ARG A 365 -21.78 14.38 1.07
N VAL A 366 -21.42 13.83 -0.09
CA VAL A 366 -20.08 13.31 -0.34
C VAL A 366 -19.66 13.70 -1.75
N ILE A 367 -18.45 14.23 -1.89
CA ILE A 367 -17.84 14.50 -3.18
C ILE A 367 -16.56 13.68 -3.30
N VAL A 368 -16.38 13.03 -4.44
CA VAL A 368 -15.15 12.29 -4.74
C VAL A 368 -14.44 13.00 -5.89
N MET A 369 -13.24 13.49 -5.61
CA MET A 369 -12.40 14.15 -6.60
C MET A 369 -11.24 13.22 -6.92
N THR A 370 -11.12 12.83 -8.19
CA THR A 370 -10.15 11.82 -8.60
C THR A 370 -9.03 12.40 -9.46
N THR A 371 -8.75 13.69 -9.29
CA THR A 371 -7.68 14.34 -10.04
C THR A 371 -7.05 15.42 -9.15
N LYS A 372 -5.77 15.68 -9.42
CA LYS A 372 -5.16 16.89 -8.88
C LYS A 372 -5.74 18.10 -9.60
N GLU A 373 -5.58 19.28 -9.00
CA GLU A 373 -5.99 20.50 -9.66
C GLU A 373 -5.20 20.70 -10.95
N VAL A 374 -3.91 20.37 -10.92
CA VAL A 374 -3.03 20.48 -12.07
C VAL A 374 -2.26 19.17 -12.21
N GLU A 375 -2.34 18.57 -13.39
CA GLU A 375 -1.60 17.35 -13.69
C GLU A 375 -0.86 17.54 -15.01
N ARG A 376 0.45 17.31 -14.98
CA ARG A 376 1.31 17.45 -16.16
C ARG A 376 1.17 18.84 -16.78
N GLY A 377 1.17 19.86 -15.92
CA GLY A 377 1.14 21.24 -16.36
C GLY A 377 -0.21 21.75 -16.83
N LYS A 378 -1.24 20.90 -16.87
CA LYS A 378 -2.55 21.28 -17.35
C LYS A 378 -3.54 21.38 -16.19
N SER A 379 -4.47 22.33 -16.30
CA SER A 379 -5.52 22.48 -15.30
C SER A 379 -6.63 21.48 -15.58
N LYS A 380 -6.95 20.65 -14.59
CA LYS A 380 -8.02 19.68 -14.72
C LYS A 380 -9.26 20.05 -13.91
N CYS A 381 -9.13 20.91 -12.90
CA CYS A 381 -10.26 21.31 -12.07
C CYS A 381 -9.87 22.58 -11.32
N VAL A 382 -10.70 23.61 -11.42
CA VAL A 382 -10.45 24.82 -10.64
C VAL A 382 -10.78 24.54 -9.18
N LYS A 383 -10.03 25.18 -8.29
CA LYS A 383 -10.28 25.06 -6.86
C LYS A 383 -11.65 25.63 -6.53
N TYR A 384 -12.60 24.76 -6.19
CA TYR A 384 -13.98 25.17 -5.91
C TYR A 384 -14.32 25.11 -4.42
N TRP A 385 -13.31 24.96 -3.56
CA TRP A 385 -13.49 24.90 -2.13
C TRP A 385 -12.59 25.90 -1.44
N PRO A 386 -12.96 26.36 -0.25
CA PRO A 386 -12.11 27.31 0.47
C PRO A 386 -10.90 26.63 1.07
N ASP A 387 -9.89 27.44 1.40
CA ASP A 387 -8.79 26.96 2.22
C ASP A 387 -9.30 26.54 3.59
N GLU A 388 -8.53 25.70 4.26
CA GLU A 388 -8.91 25.21 5.58
C GLU A 388 -9.21 26.39 6.51
N TYR A 389 -10.31 26.25 7.27
CA TYR A 389 -10.81 27.23 8.23
C TYR A 389 -11.40 28.47 7.57
N ALA A 390 -11.36 28.58 6.25
CA ALA A 390 -11.89 29.75 5.56
C ALA A 390 -13.32 29.52 5.10
N LEU A 391 -14.01 30.62 4.83
CA LEU A 391 -15.39 30.62 4.40
C LEU A 391 -15.53 31.45 3.14
N LYS A 392 -16.28 30.94 2.17
CA LYS A 392 -16.47 31.63 0.90
C LYS A 392 -17.92 31.54 0.46
N GLU A 393 -18.34 32.52 -0.32
CA GLU A 393 -19.65 32.52 -0.94
C GLU A 393 -19.50 32.30 -2.44
N TYR A 394 -20.16 31.26 -2.94
CA TYR A 394 -20.15 30.92 -4.36
C TYR A 394 -21.56 31.20 -4.88
N GLY A 395 -21.79 32.43 -5.33
CA GLY A 395 -23.14 32.83 -5.65
C GLY A 395 -23.98 32.85 -4.39
N VAL A 396 -25.13 32.17 -4.45
CA VAL A 396 -26.03 32.10 -3.29
C VAL A 396 -25.64 31.01 -2.31
N MET A 397 -24.57 30.27 -2.57
CA MET A 397 -24.16 29.17 -1.72
C MET A 397 -22.93 29.55 -0.90
N ARG A 398 -22.96 29.18 0.38
CA ARG A 398 -21.92 29.51 1.34
C ARG A 398 -21.23 28.22 1.77
N VAL A 399 -19.90 28.20 1.72
CA VAL A 399 -19.12 27.01 2.03
C VAL A 399 -18.03 27.37 3.02
N ARG A 400 -18.02 26.68 4.17
CA ARG A 400 -16.92 26.76 5.11
C ARG A 400 -16.12 25.47 5.05
N ASN A 401 -14.79 25.59 4.98
CA ASN A 401 -13.90 24.45 5.09
C ASN A 401 -13.61 24.25 6.57
N VAL A 402 -14.27 23.28 7.18
CA VAL A 402 -14.20 23.11 8.63
C VAL A 402 -12.84 22.55 9.03
N LYS A 403 -12.38 21.52 8.33
CA LYS A 403 -11.13 20.84 8.69
C LYS A 403 -10.70 19.96 7.54
N GLU A 404 -9.38 19.82 7.39
CA GLU A 404 -8.80 18.91 6.41
C GLU A 404 -8.01 17.82 7.13
N SER A 405 -8.11 16.60 6.61
CA SER A 405 -7.36 15.47 7.13
C SER A 405 -6.64 14.80 5.97
N ALA A 406 -5.34 14.58 6.12
CA ALA A 406 -4.50 14.06 5.06
C ALA A 406 -4.16 12.60 5.33
N ALA A 407 -4.60 11.71 4.45
CA ALA A 407 -4.05 10.37 4.33
C ALA A 407 -3.01 10.37 3.22
N HIS A 408 -2.38 9.22 2.99
CA HIS A 408 -1.39 9.16 1.91
C HIS A 408 -2.06 9.30 0.55
N ASP A 409 -3.10 8.52 0.31
CA ASP A 409 -3.74 8.51 -1.00
C ASP A 409 -4.72 9.66 -1.21
N TYR A 410 -5.17 10.32 -0.15
CA TYR A 410 -6.21 11.30 -0.35
C TYR A 410 -6.22 12.32 0.79
N THR A 411 -6.88 13.44 0.52
CA THR A 411 -7.21 14.46 1.52
C THR A 411 -8.72 14.49 1.71
N LEU A 412 -9.15 14.52 2.96
CA LEU A 412 -10.56 14.67 3.31
C LEU A 412 -10.81 16.08 3.79
N ARG A 413 -11.80 16.74 3.21
CA ARG A 413 -12.16 18.11 3.58
C ARG A 413 -13.59 18.12 4.07
N GLU A 414 -13.77 18.48 5.35
CA GLU A 414 -15.10 18.60 5.94
C GLU A 414 -15.65 19.98 5.62
N LEU A 415 -16.63 20.03 4.73
CA LEU A 415 -17.21 21.30 4.27
C LEU A 415 -18.61 21.47 4.80
N LYS A 416 -18.94 22.69 5.19
CA LYS A 416 -20.29 23.06 5.61
C LYS A 416 -20.92 23.90 4.52
N LEU A 417 -21.99 23.40 3.91
CA LEU A 417 -22.64 24.04 2.77
C LEU A 417 -24.01 24.54 3.19
N SER A 418 -24.32 25.80 2.85
CA SER A 418 -25.61 26.38 3.15
C SER A 418 -25.93 27.45 2.11
N LYS A 419 -27.21 27.82 2.06
CA LYS A 419 -27.67 28.91 1.21
C LYS A 419 -27.63 30.21 2.00
N VAL A 420 -27.13 31.28 1.37
CA VAL A 420 -27.00 32.55 2.06
C VAL A 420 -28.36 33.04 2.52
N GLY A 421 -28.40 33.61 3.71
CA GLY A 421 -29.64 34.12 4.29
C GLY A 421 -30.54 33.07 4.93
N GLN A 422 -30.12 31.81 4.98
CA GLN A 422 -30.94 30.72 5.52
C GLN A 422 -30.03 29.78 6.30
N GLY A 423 -29.87 30.06 7.59
CA GLY A 423 -29.00 29.24 8.43
C GLY A 423 -29.49 27.81 8.62
N ASN A 424 -30.78 27.56 8.41
CA ASN A 424 -31.34 26.23 8.63
C ASN A 424 -31.11 25.28 7.45
N THR A 425 -30.43 25.73 6.40
CA THR A 425 -30.15 24.88 5.24
C THR A 425 -28.77 24.23 5.32
N GLU A 426 -28.05 24.40 6.42
CA GLU A 426 -26.69 23.91 6.52
C GLU A 426 -26.65 22.38 6.54
N ARG A 427 -25.68 21.82 5.84
CA ARG A 427 -25.40 20.39 5.90
C ARG A 427 -23.92 20.19 5.60
N THR A 428 -23.36 19.14 6.17
CA THR A 428 -21.94 18.84 5.97
C THR A 428 -21.74 18.07 4.67
N VAL A 429 -20.78 18.51 3.88
CA VAL A 429 -20.37 17.81 2.66
C VAL A 429 -18.93 17.35 2.86
N TRP A 430 -18.69 16.06 2.72
CA TRP A 430 -17.38 15.46 2.92
C TRP A 430 -16.72 15.28 1.55
N GLN A 431 -15.64 16.03 1.30
CA GLN A 431 -14.94 15.98 0.03
C GLN A 431 -13.73 15.07 0.15
N TYR A 432 -13.73 13.99 -0.64
CA TYR A 432 -12.64 13.01 -0.64
C TYR A 432 -11.82 13.25 -1.91
N HIS A 433 -10.63 13.82 -1.73
CA HIS A 433 -9.78 14.24 -2.85
C HIS A 433 -8.66 13.22 -3.04
N PHE A 434 -8.87 12.28 -3.96
CA PHE A 434 -7.85 11.30 -4.29
C PHE A 434 -6.72 11.96 -5.09
N ARG A 435 -5.48 11.78 -4.61
CA ARG A 435 -4.35 12.51 -5.17
C ARG A 435 -3.21 11.64 -5.70
N THR A 436 -3.33 10.32 -5.67
CA THR A 436 -2.23 9.44 -6.09
C THR A 436 -2.52 8.67 -7.37
N TRP A 437 -3.55 9.03 -8.11
CA TRP A 437 -3.75 8.41 -9.42
C TRP A 437 -2.60 8.81 -10.34
N PRO A 438 -1.90 7.85 -10.95
CA PRO A 438 -0.69 8.18 -11.71
C PRO A 438 -0.98 9.06 -12.90
N ASP A 439 0.05 9.80 -13.31
CA ASP A 439 -0.07 10.64 -14.51
C ASP A 439 -0.32 9.80 -15.75
N HIS A 440 0.22 8.59 -15.79
CA HIS A 440 0.11 7.71 -16.94
C HIS A 440 -0.59 6.42 -16.53
N GLY A 441 -1.67 6.09 -17.23
CA GLY A 441 -2.35 4.82 -17.04
C GLY A 441 -3.20 4.72 -15.79
N VAL A 442 -3.14 3.57 -15.13
CA VAL A 442 -3.93 3.28 -13.95
C VAL A 442 -2.99 2.83 -12.83
N PRO A 443 -3.44 2.86 -11.58
CA PRO A 443 -2.58 2.40 -10.48
C PRO A 443 -2.17 0.94 -10.67
N SER A 444 -0.93 0.64 -10.29
CA SER A 444 -0.44 -0.72 -10.40
C SER A 444 -1.08 -1.63 -9.36
N ASP A 445 -1.55 -1.06 -8.24
CA ASP A 445 -2.21 -1.82 -7.19
C ASP A 445 -3.55 -1.16 -6.88
N PRO A 446 -4.63 -1.93 -6.74
CA PRO A 446 -5.94 -1.33 -6.47
C PRO A 446 -6.22 -1.08 -5.00
N GLY A 447 -5.25 -1.34 -4.13
CA GLY A 447 -5.49 -1.25 -2.70
C GLY A 447 -5.86 0.16 -2.26
N GLY A 448 -5.11 1.15 -2.74
CA GLY A 448 -5.41 2.53 -2.37
C GLY A 448 -6.80 2.96 -2.82
N VAL A 449 -7.19 2.54 -4.02
CA VAL A 449 -8.53 2.87 -4.52
C VAL A 449 -9.59 2.14 -3.72
N LEU A 450 -9.35 0.87 -3.39
CA LEU A 450 -10.36 0.09 -2.67
C LEU A 450 -10.53 0.60 -1.24
N ASP A 451 -9.43 0.87 -0.54
CA ASP A 451 -9.53 1.45 0.80
C ASP A 451 -10.20 2.81 0.75
N PHE A 452 -9.94 3.58 -0.30
CA PHE A 452 -10.57 4.88 -0.48
C PHE A 452 -12.08 4.75 -0.63
N LEU A 453 -12.52 3.84 -1.50
CA LEU A 453 -13.95 3.68 -1.74
C LEU A 453 -14.66 3.11 -0.53
N GLU A 454 -14.00 2.20 0.20
CA GLU A 454 -14.59 1.65 1.41
C GLU A 454 -14.88 2.75 2.44
N GLU A 455 -13.92 3.66 2.63
CA GLU A 455 -14.14 4.79 3.52
C GLU A 455 -15.26 5.68 3.01
N VAL A 456 -15.22 6.03 1.72
CA VAL A 456 -16.27 6.83 1.11
C VAL A 456 -17.63 6.17 1.30
N HIS A 457 -17.70 4.86 1.11
CA HIS A 457 -18.98 4.16 1.22
C HIS A 457 -19.54 4.23 2.63
N HIS A 458 -18.67 4.14 3.64
CA HIS A 458 -19.15 4.11 5.02
C HIS A 458 -19.53 5.50 5.51
N LYS A 459 -18.84 6.54 5.05
CA LYS A 459 -19.30 7.90 5.32
C LYS A 459 -20.69 8.12 4.77
N GLN A 460 -20.92 7.71 3.52
CA GLN A 460 -22.23 7.88 2.90
C GLN A 460 -23.31 7.10 3.64
N GLU A 461 -23.01 5.87 4.04
CA GLU A 461 -24.02 5.04 4.71
C GLU A 461 -24.36 5.61 6.08
N SER A 462 -23.44 6.32 6.72
CA SER A 462 -23.66 6.88 8.05
C SER A 462 -24.53 8.12 8.03
N ILE A 463 -24.88 8.63 6.86
CA ILE A 463 -25.60 9.91 6.74
C ILE A 463 -27.02 9.60 6.27
N MET A 464 -27.99 9.86 7.15
CA MET A 464 -29.38 9.59 6.82
C MET A 464 -29.85 10.52 5.70
N ASP A 465 -30.56 9.95 4.72
CA ASP A 465 -31.16 10.69 3.61
C ASP A 465 -30.13 11.42 2.77
N ALA A 466 -28.88 10.94 2.75
CA ALA A 466 -27.88 11.54 1.90
C ALA A 466 -28.24 11.33 0.43
N GLY A 467 -27.96 12.33 -0.39
CA GLY A 467 -28.23 12.26 -1.81
C GLY A 467 -27.16 11.49 -2.55
N PRO A 468 -27.10 11.68 -3.87
CA PRO A 468 -26.10 10.95 -4.67
C PRO A 468 -24.68 11.41 -4.35
N VAL A 469 -23.74 10.48 -4.48
CA VAL A 469 -22.33 10.79 -4.32
C VAL A 469 -21.85 11.48 -5.59
N VAL A 470 -21.28 12.67 -5.45
CA VAL A 470 -20.73 13.39 -6.59
C VAL A 470 -19.33 12.88 -6.86
N VAL A 471 -19.07 12.48 -8.11
CA VAL A 471 -17.76 11.97 -8.53
C VAL A 471 -17.33 12.76 -9.75
N HIS A 472 -16.08 13.21 -9.75
CA HIS A 472 -15.59 14.01 -10.88
C HIS A 472 -14.08 13.87 -11.02
N CYS A 473 -13.61 13.96 -12.27
CA CYS A 473 -12.19 14.09 -12.57
C CYS A 473 -11.98 15.33 -13.45
N SER A 474 -11.56 15.12 -14.69
CA SER A 474 -11.41 16.25 -15.61
C SER A 474 -12.64 16.35 -16.51
N ALA A 475 -12.77 15.44 -17.48
CA ALA A 475 -13.98 15.37 -18.28
C ALA A 475 -15.11 14.64 -17.59
N GLY A 476 -14.79 13.87 -16.55
CA GLY A 476 -15.82 13.16 -15.80
C GLY A 476 -16.35 11.91 -16.46
N ILE A 477 -15.52 11.19 -17.22
CA ILE A 477 -15.99 9.98 -17.88
C ILE A 477 -14.99 8.84 -17.70
N GLY A 478 -13.70 9.16 -17.65
CA GLY A 478 -12.67 8.14 -17.57
C GLY A 478 -12.44 7.60 -16.17
N ARG A 479 -11.63 8.32 -15.39
CA ARG A 479 -11.43 7.96 -13.98
C ARG A 479 -12.77 7.94 -13.24
N THR A 480 -13.62 8.94 -13.49
CA THR A 480 -14.91 9.01 -12.84
C THR A 480 -15.72 7.75 -13.08
N GLY A 481 -15.81 7.32 -14.34
CA GLY A 481 -16.52 6.09 -14.64
C GLY A 481 -15.87 4.88 -14.00
N THR A 482 -14.54 4.87 -13.95
CA THR A 482 -13.83 3.75 -13.35
C THR A 482 -14.15 3.62 -11.85
N PHE A 483 -14.07 4.74 -11.13
CA PHE A 483 -14.38 4.73 -9.70
C PHE A 483 -15.82 4.28 -9.47
N ILE A 484 -16.76 4.84 -10.23
CA ILE A 484 -18.18 4.53 -10.03
C ILE A 484 -18.45 3.06 -10.30
N VAL A 485 -17.87 2.52 -11.37
CA VAL A 485 -18.12 1.12 -11.73
C VAL A 485 -17.57 0.20 -10.64
N ILE A 486 -16.34 0.47 -10.18
CA ILE A 486 -15.77 -0.32 -9.09
C ILE A 486 -16.66 -0.26 -7.87
N ASP A 487 -17.15 0.94 -7.53
CA ASP A 487 -18.00 1.10 -6.36
C ASP A 487 -19.30 0.32 -6.49
N ILE A 488 -19.88 0.32 -7.71
CA ILE A 488 -21.12 -0.43 -7.94
C ILE A 488 -20.88 -1.91 -7.73
N LEU A 489 -19.82 -2.45 -8.33
CA LEU A 489 -19.54 -3.87 -8.24
C LEU A 489 -19.16 -4.27 -6.82
N ILE A 490 -18.34 -3.46 -6.14
CA ILE A 490 -17.91 -3.78 -4.78
C ILE A 490 -19.10 -3.81 -3.82
N ASP A 491 -20.09 -2.94 -4.05
CA ASP A 491 -21.25 -2.88 -3.17
C ASP A 491 -22.08 -4.15 -3.26
N ILE A 492 -22.16 -4.76 -4.44
CA ILE A 492 -22.83 -6.06 -4.57
C ILE A 492 -22.11 -7.10 -3.73
N ILE A 493 -20.79 -7.15 -3.83
CA ILE A 493 -20.00 -8.13 -3.11
C ILE A 493 -20.05 -7.86 -1.61
N ARG A 494 -20.04 -6.59 -1.21
CA ARG A 494 -20.04 -6.26 0.21
C ARG A 494 -21.30 -6.77 0.90
N GLU A 495 -22.42 -6.82 0.19
CA GLU A 495 -23.69 -7.22 0.79
C GLU A 495 -23.98 -8.70 0.62
N LYS A 496 -23.45 -9.35 -0.42
CA LYS A 496 -23.71 -10.75 -0.68
C LYS A 496 -22.48 -11.64 -0.57
N GLY A 497 -21.29 -11.09 -0.38
CA GLY A 497 -20.12 -11.93 -0.34
C GLY A 497 -19.86 -12.58 -1.69
N VAL A 498 -19.26 -13.76 -1.66
CA VAL A 498 -18.93 -14.49 -2.88
C VAL A 498 -20.15 -15.10 -3.56
N ASP A 499 -21.30 -15.10 -2.89
CA ASP A 499 -22.51 -15.72 -3.42
C ASP A 499 -23.33 -14.72 -4.24
N CYS A 500 -22.72 -14.20 -5.30
CA CYS A 500 -23.39 -13.22 -6.15
C CYS A 500 -22.80 -13.27 -7.54
N ASP A 501 -23.65 -12.93 -8.53
CA ASP A 501 -23.22 -12.77 -9.91
C ASP A 501 -22.75 -11.33 -10.12
N ILE A 502 -21.62 -11.18 -10.79
CA ILE A 502 -21.18 -9.87 -11.28
C ILE A 502 -20.89 -9.99 -12.76
N ASP A 503 -21.16 -8.89 -13.49
CA ASP A 503 -21.01 -8.84 -14.95
C ASP A 503 -20.40 -7.47 -15.25
N VAL A 504 -19.07 -7.44 -15.38
CA VAL A 504 -18.37 -6.16 -15.50
C VAL A 504 -18.80 -5.40 -16.76
N PRO A 505 -18.77 -5.99 -17.97
CA PRO A 505 -19.18 -5.20 -19.15
C PRO A 505 -20.64 -4.76 -19.12
N LYS A 506 -21.53 -5.61 -18.61
CA LYS A 506 -22.93 -5.21 -18.51
C LYS A 506 -23.09 -4.00 -17.60
N THR A 507 -22.41 -4.02 -16.44
CA THR A 507 -22.46 -2.88 -15.53
C THR A 507 -21.93 -1.62 -16.20
N ILE A 508 -20.84 -1.74 -16.97
CA ILE A 508 -20.27 -0.58 -17.65
C ILE A 508 -21.23 -0.06 -18.71
N GLN A 509 -21.81 -0.96 -19.51
CA GLN A 509 -22.76 -0.55 -20.54
C GLN A 509 -23.97 0.15 -19.93
N MET A 510 -24.45 -0.34 -18.79
CA MET A 510 -25.56 0.31 -18.09
C MET A 510 -25.18 1.70 -17.64
N VAL A 511 -23.96 1.86 -17.10
CA VAL A 511 -23.50 3.18 -16.70
C VAL A 511 -23.28 4.07 -17.92
N ARG A 512 -22.80 3.47 -19.03
CA ARG A 512 -22.56 4.25 -20.24
C ARG A 512 -23.83 4.75 -20.89
N SER A 513 -24.97 4.14 -20.58
CA SER A 513 -26.25 4.64 -21.08
C SER A 513 -26.73 5.87 -20.33
N GLN A 514 -26.03 6.27 -19.26
CA GLN A 514 -26.40 7.42 -18.45
C GLN A 514 -25.40 8.56 -18.53
N ARG A 515 -24.17 8.29 -18.98
CA ARG A 515 -23.21 9.34 -19.30
C ARG A 515 -22.26 8.81 -20.37
N SER A 516 -21.95 9.64 -21.35
CA SER A 516 -21.17 9.23 -22.50
C SER A 516 -19.79 8.71 -22.10
N GLY A 517 -19.46 7.52 -22.60
CA GLY A 517 -18.10 7.01 -22.52
C GLY A 517 -17.58 6.72 -21.12
N MET A 518 -18.45 6.35 -20.19
CA MET A 518 -18.00 5.99 -18.85
C MET A 518 -17.08 4.78 -18.93
N VAL A 519 -15.87 4.92 -18.36
CA VAL A 519 -14.74 3.98 -18.51
C VAL A 519 -14.17 4.15 -19.91
N GLN A 520 -12.95 4.66 -20.00
CA GLN A 520 -12.39 5.13 -21.27
C GLN A 520 -11.48 4.13 -21.96
N THR A 521 -10.67 3.38 -21.21
CA THR A 521 -9.56 2.64 -21.79
C THR A 521 -9.59 1.18 -21.36
N GLU A 522 -8.88 0.35 -22.14
CA GLU A 522 -8.72 -1.05 -21.77
C GLU A 522 -7.96 -1.19 -20.46
N ALA A 523 -6.99 -0.31 -20.21
CA ALA A 523 -6.27 -0.33 -18.95
C ALA A 523 -7.21 -0.14 -17.77
N GLN A 524 -8.12 0.83 -17.87
CA GLN A 524 -9.13 1.00 -16.82
C GLN A 524 -10.04 -0.22 -16.72
N TYR A 525 -10.43 -0.80 -17.86
CA TYR A 525 -11.21 -2.02 -17.87
C TYR A 525 -10.50 -3.14 -17.10
N ARG A 526 -9.20 -3.32 -17.36
CA ARG A 526 -8.43 -4.30 -16.62
C ARG A 526 -8.37 -3.95 -15.14
N PHE A 527 -8.25 -2.66 -14.82
CA PHE A 527 -8.12 -2.23 -13.44
C PHE A 527 -9.38 -2.51 -12.64
N ILE A 528 -10.55 -2.39 -13.28
CA ILE A 528 -11.81 -2.71 -12.62
C ILE A 528 -11.84 -4.19 -12.23
N TYR A 529 -11.46 -5.06 -13.17
CA TYR A 529 -11.38 -6.48 -12.88
C TYR A 529 -10.41 -6.75 -11.73
N MET A 530 -9.25 -6.10 -11.75
CA MET A 530 -8.24 -6.32 -10.72
C MET A 530 -8.71 -5.80 -9.37
N ALA A 531 -9.43 -4.67 -9.36
CA ALA A 531 -9.96 -4.14 -8.10
C ALA A 531 -11.03 -5.06 -7.52
N VAL A 532 -11.91 -5.59 -8.38
CA VAL A 532 -12.93 -6.52 -7.91
C VAL A 532 -12.28 -7.80 -7.39
N GLN A 533 -11.28 -8.30 -8.11
CA GLN A 533 -10.57 -9.50 -7.69
C GLN A 533 -9.90 -9.29 -6.34
N HIS A 534 -9.20 -8.17 -6.17
CA HIS A 534 -8.53 -7.89 -4.90
C HIS A 534 -9.54 -7.79 -3.76
N TYR A 535 -10.65 -7.10 -3.99
CA TYR A 535 -11.66 -6.94 -2.94
C TYR A 535 -12.20 -8.29 -2.50
N ILE A 536 -12.42 -9.20 -3.45
CA ILE A 536 -12.95 -10.52 -3.12
C ILE A 536 -11.92 -11.33 -2.35
N GLU A 537 -10.63 -11.18 -2.69
CA GLU A 537 -9.60 -11.96 -2.03
C GLU A 537 -9.46 -11.61 -0.55
N THR A 538 -9.68 -10.34 -0.18
CA THR A 538 -9.48 -9.89 1.19
C THR A 538 -10.76 -9.96 2.03
N LEU A 539 -11.78 -10.67 1.56
CA LEU A 539 -13.00 -10.86 2.35
C LEU A 539 -12.72 -11.78 3.53
N THR B 16 25.80 8.27 31.11
CA THR B 16 26.24 6.91 31.34
C THR B 16 25.39 6.22 32.41
N SER B 17 24.18 6.74 32.60
CA SER B 17 23.27 6.19 33.59
C SER B 17 21.84 6.37 33.11
N ARG B 18 20.99 5.41 33.48
CA ARG B 18 19.58 5.40 33.14
C ARG B 18 18.73 5.32 34.41
N ARG B 19 19.22 5.95 35.49
CA ARG B 19 18.57 5.89 36.79
C ARG B 19 17.20 6.53 36.79
N TRP B 20 16.88 7.35 35.79
CA TRP B 20 15.59 8.04 35.75
C TRP B 20 14.44 7.12 35.37
N PHE B 21 14.70 5.86 35.02
CA PHE B 21 13.65 4.92 34.68
C PHE B 21 13.35 4.05 35.90
N HIS B 22 12.10 4.10 36.37
CA HIS B 22 11.66 3.31 37.51
C HIS B 22 10.74 2.20 37.02
N PRO B 23 11.19 0.94 37.01
CA PRO B 23 10.39 -0.12 36.38
C PRO B 23 9.17 -0.54 37.19
N ASN B 24 9.14 -0.32 38.50
CA ASN B 24 8.13 -0.93 39.36
C ASN B 24 7.23 0.07 40.07
N ILE B 25 7.22 1.33 39.67
CA ILE B 25 6.45 2.34 40.38
C ILE B 25 5.15 2.63 39.62
N THR B 26 4.15 3.07 40.38
CA THR B 26 2.86 3.44 39.82
C THR B 26 2.80 4.95 39.60
N GLY B 27 1.70 5.41 39.00
CA GLY B 27 1.53 6.84 38.79
C GLY B 27 1.42 7.61 40.09
N VAL B 28 0.80 7.01 41.10
CA VAL B 28 0.70 7.65 42.41
C VAL B 28 2.08 7.84 43.01
N GLU B 29 2.87 6.77 43.06
CA GLU B 29 4.22 6.85 43.62
C GLU B 29 5.10 7.77 42.78
N ALA B 30 4.85 7.86 41.47
CA ALA B 30 5.56 8.81 40.64
C ALA B 30 5.32 10.24 41.10
N GLU B 31 4.06 10.58 41.41
CA GLU B 31 3.75 11.92 41.86
C GLU B 31 4.29 12.17 43.26
N ASN B 32 4.14 11.20 44.17
CA ASN B 32 4.67 11.35 45.52
C ASN B 32 6.19 11.58 45.49
N LEU B 33 6.90 10.82 44.66
CA LEU B 33 8.35 10.95 44.59
C LEU B 33 8.75 12.33 44.07
N LEU B 34 8.12 12.78 42.99
CA LEU B 34 8.48 14.07 42.41
C LEU B 34 8.10 15.23 43.32
N LEU B 35 7.03 15.08 44.09
CA LEU B 35 6.57 16.18 44.94
C LEU B 35 7.33 16.25 46.25
N THR B 36 7.69 15.10 46.83
CA THR B 36 8.37 15.09 48.12
C THR B 36 9.89 15.05 48.00
N ARG B 37 10.43 14.55 46.88
CA ARG B 37 11.87 14.41 46.72
C ARG B 37 12.43 15.14 45.50
N GLY B 38 11.57 15.70 44.64
CA GLY B 38 12.01 16.42 43.48
C GLY B 38 11.74 17.92 43.59
N VAL B 39 12.28 18.65 42.63
CA VAL B 39 12.04 20.07 42.49
C VAL B 39 11.51 20.32 41.07
N ASP B 40 11.21 21.58 40.78
CA ASP B 40 10.79 21.93 39.42
C ASP B 40 11.90 21.60 38.43
N GLY B 41 11.56 20.80 37.42
CA GLY B 41 12.52 20.26 36.49
C GLY B 41 12.88 18.81 36.74
N SER B 42 12.45 18.24 37.87
CA SER B 42 12.68 16.83 38.13
C SER B 42 11.78 15.98 37.25
N PHE B 43 12.28 14.81 36.87
CA PHE B 43 11.54 13.94 35.97
C PHE B 43 11.92 12.49 36.21
N LEU B 44 11.02 11.60 35.80
CA LEU B 44 11.30 10.18 35.73
C LEU B 44 10.46 9.59 34.61
N ALA B 45 10.80 8.37 34.21
CA ALA B 45 10.02 7.61 33.24
C ALA B 45 9.65 6.27 33.86
N ARG B 46 8.52 5.72 33.42
CA ARG B 46 7.99 4.52 34.03
C ARG B 46 7.18 3.75 33.01
N PRO B 47 7.12 2.43 33.11
CA PRO B 47 6.24 1.65 32.23
C PRO B 47 4.82 1.68 32.74
N SER B 48 3.89 1.66 31.80
CA SER B 48 2.47 1.60 32.16
C SER B 48 2.14 0.23 32.73
N LYS B 49 1.24 0.22 33.70
CA LYS B 49 0.82 -1.03 34.35
C LYS B 49 -0.16 -1.74 33.43
N SER B 50 0.24 -2.89 32.90
CA SER B 50 -0.53 -3.86 32.13
C SER B 50 -0.70 -3.48 30.67
N ASN B 51 -0.30 -2.28 30.23
CA ASN B 51 -0.40 -1.93 28.82
C ASN B 51 0.99 -2.01 28.20
N PRO B 52 1.30 -3.03 27.41
CA PRO B 52 2.66 -3.15 26.86
C PRO B 52 2.92 -2.10 25.80
N GLY B 53 4.19 -1.71 25.68
CA GLY B 53 4.58 -0.64 24.79
C GLY B 53 4.16 0.74 25.23
N ASP B 54 3.59 0.88 26.42
CA ASP B 54 3.11 2.14 26.95
C ASP B 54 4.02 2.60 28.08
N PHE B 55 4.46 3.86 28.04
CA PHE B 55 5.32 4.42 29.05
C PHE B 55 4.83 5.83 29.39
N THR B 56 5.34 6.38 30.49
CA THR B 56 4.97 7.72 30.91
C THR B 56 6.20 8.50 31.34
N LEU B 57 6.33 9.72 30.83
CA LEU B 57 7.34 10.67 31.28
C LEU B 57 6.66 11.63 32.25
N SER B 58 7.05 11.58 33.52
CA SER B 58 6.46 12.39 34.58
C SER B 58 7.42 13.51 34.95
N VAL B 59 6.98 14.75 34.76
CA VAL B 59 7.82 15.92 34.97
C VAL B 59 7.16 16.83 35.99
N ARG B 60 7.97 17.38 36.89
CA ARG B 60 7.52 18.40 37.84
C ARG B 60 7.77 19.78 37.25
N ARG B 61 6.73 20.62 37.24
CA ARG B 61 6.86 22.00 36.80
C ARG B 61 5.86 22.85 37.57
N ASN B 62 6.33 23.97 38.12
CA ASN B 62 5.50 24.90 38.88
C ASN B 62 4.78 24.19 40.04
N GLY B 63 5.51 23.30 40.72
CA GLY B 63 4.95 22.59 41.86
C GLY B 63 3.90 21.56 41.53
N ALA B 64 3.68 21.28 40.25
CA ALA B 64 2.74 20.26 39.82
C ALA B 64 3.44 19.22 38.96
N VAL B 65 2.82 18.06 38.83
CA VAL B 65 3.38 16.94 38.07
C VAL B 65 2.59 16.77 36.79
N THR B 66 3.29 16.81 35.66
CA THR B 66 2.71 16.54 34.35
C THR B 66 3.07 15.13 33.91
N HIS B 67 2.11 14.43 33.31
CA HIS B 67 2.32 13.08 32.82
C HIS B 67 2.16 13.07 31.31
N ILE B 68 3.21 12.63 30.61
CA ILE B 68 3.25 12.60 29.15
C ILE B 68 3.33 11.16 28.68
N LYS B 69 2.43 10.76 27.79
CA LYS B 69 2.37 9.38 27.34
C LYS B 69 3.41 9.10 26.27
N ILE B 70 4.03 7.93 26.36
CA ILE B 70 4.95 7.42 25.35
C ILE B 70 4.38 6.11 24.82
N GLN B 71 4.16 6.04 23.51
CA GLN B 71 3.57 4.89 22.88
C GLN B 71 4.58 4.23 21.94
N ASN B 72 4.64 2.90 22.00
CA ASN B 72 5.49 2.12 21.08
C ASN B 72 4.72 0.88 20.66
N THR B 73 4.32 0.83 19.39
CA THR B 73 3.68 -0.33 18.81
C THR B 73 4.67 -1.27 18.14
N GLY B 74 5.95 -0.93 18.13
CA GLY B 74 6.96 -1.75 17.51
C GLY B 74 7.88 -1.01 16.56
N ASP B 75 7.57 0.26 16.32
CA ASP B 75 8.30 1.05 15.33
C ASP B 75 9.21 2.12 15.95
N TYR B 76 8.76 2.76 17.02
CA TYR B 76 9.49 3.86 17.65
C TYR B 76 8.76 4.26 18.92
N TYR B 77 9.45 4.99 19.78
CA TYR B 77 8.85 5.57 20.96
C TYR B 77 8.20 6.90 20.57
N ASP B 78 6.88 6.95 20.57
CA ASP B 78 6.12 8.11 20.16
C ASP B 78 5.75 8.91 21.41
N LEU B 79 6.43 10.04 21.60
CA LEU B 79 6.15 10.92 22.72
C LEU B 79 5.04 11.90 22.33
N TYR B 80 3.91 11.83 23.04
CA TYR B 80 2.76 12.64 22.68
C TYR B 80 3.09 14.12 22.84
N GLY B 81 2.77 14.90 21.80
CA GLY B 81 3.15 16.30 21.75
C GLY B 81 4.60 16.54 21.39
N GLY B 82 5.45 15.52 21.45
CA GLY B 82 6.86 15.67 21.11
C GLY B 82 7.23 14.95 19.84
N GLU B 83 8.35 14.25 19.86
CA GLU B 83 8.90 13.61 18.67
C GLU B 83 8.99 12.10 18.87
N LYS B 84 9.41 11.41 17.81
CA LYS B 84 9.59 9.97 17.82
C LYS B 84 11.07 9.64 18.00
N PHE B 85 11.36 8.63 18.81
CA PHE B 85 12.73 8.35 19.21
C PHE B 85 13.02 6.85 19.13
N ALA B 86 14.31 6.53 19.02
CA ALA B 86 14.74 5.15 18.90
C ALA B 86 14.84 4.45 20.24
N THR B 87 15.27 5.15 21.28
CA THR B 87 15.30 4.62 22.64
C THR B 87 14.85 5.69 23.61
N LEU B 88 14.47 5.25 24.82
CA LEU B 88 14.12 6.20 25.86
C LEU B 88 15.31 7.05 26.28
N ALA B 89 16.50 6.45 26.31
CA ALA B 89 17.70 7.21 26.65
C ALA B 89 17.98 8.30 25.63
N GLU B 90 17.78 7.99 24.34
CA GLU B 90 17.97 9.00 23.31
C GLU B 90 16.90 10.09 23.42
N LEU B 91 15.69 9.71 23.84
CA LEU B 91 14.65 10.71 24.09
C LEU B 91 15.06 11.65 25.21
N VAL B 92 15.49 11.10 26.35
CA VAL B 92 15.86 11.92 27.50
C VAL B 92 17.06 12.79 27.16
N GLN B 93 18.06 12.20 26.51
CA GLN B 93 19.25 12.96 26.12
C GLN B 93 18.88 14.12 25.21
N TYR B 94 17.94 13.90 24.28
CA TYR B 94 17.56 14.95 23.35
C TYR B 94 16.95 16.15 24.08
N TYR B 95 15.99 15.89 24.98
CA TYR B 95 15.28 16.97 25.63
C TYR B 95 16.07 17.60 26.77
N MET B 96 17.03 16.88 27.36
CA MET B 96 17.92 17.52 28.33
C MET B 96 18.91 18.45 27.65
N GLU B 97 19.18 18.26 26.37
CA GLU B 97 20.13 19.09 25.63
C GLU B 97 19.46 20.02 24.63
N HIS B 98 18.15 19.96 24.53
CA HIS B 98 17.40 20.79 23.60
C HIS B 98 16.27 21.49 24.32
N GLN B 101 11.76 22.38 23.53
CA GLN B 101 11.20 21.54 22.53
C GLN B 101 9.98 20.85 23.08
N LEU B 102 10.02 20.44 24.34
CA LEU B 102 8.90 19.73 24.94
C LEU B 102 7.90 20.73 25.44
N LYS B 103 6.70 20.66 24.93
CA LYS B 103 5.66 21.62 25.26
C LYS B 103 4.38 20.92 25.67
N GLU B 104 3.60 21.59 26.52
CA GLU B 104 2.29 21.09 26.92
C GLU B 104 1.32 21.15 25.75
N LYS B 105 0.11 20.64 25.99
CA LYS B 105 -0.93 20.72 24.98
C LYS B 105 -1.37 22.17 24.77
N ASN B 106 -1.41 22.96 25.85
CA ASN B 106 -1.70 24.38 25.73
C ASN B 106 -0.51 25.17 25.22
N GLY B 107 0.72 24.68 25.41
CA GLY B 107 1.89 25.30 24.80
C GLY B 107 3.01 25.67 25.74
N ASP B 108 2.87 25.54 27.06
CA ASP B 108 3.95 25.89 27.96
C ASP B 108 5.11 24.92 27.83
N VAL B 109 6.32 25.41 28.12
CA VAL B 109 7.53 24.63 27.95
C VAL B 109 7.71 23.72 29.18
N ILE B 110 8.00 22.45 28.92
CA ILE B 110 8.29 21.47 29.97
C ILE B 110 9.78 21.17 29.91
N GLU B 111 10.49 21.50 30.98
CA GLU B 111 11.94 21.35 31.04
C GLU B 111 12.29 20.06 31.77
N LEU B 112 13.16 19.25 31.15
CA LEU B 112 13.75 18.07 31.79
C LEU B 112 15.11 18.49 32.33
N LYS B 113 15.17 18.78 33.63
CA LYS B 113 16.38 19.29 34.25
C LYS B 113 17.08 18.26 35.13
N TYR B 114 16.38 17.66 36.08
CA TYR B 114 17.00 16.80 37.09
C TYR B 114 16.41 15.40 37.03
N PRO B 115 17.16 14.39 36.60
CA PRO B 115 16.67 13.02 36.71
C PRO B 115 16.45 12.65 38.18
N LEU B 116 15.27 12.12 38.47
CA LEU B 116 14.97 11.57 39.78
C LEU B 116 15.40 10.10 39.78
N ASN B 117 16.47 9.81 40.49
CA ASN B 117 17.14 8.51 40.35
C ASN B 117 16.39 7.42 41.08
N CYS B 118 16.35 6.24 40.46
CA CYS B 118 15.69 5.08 41.02
C CYS B 118 16.67 4.23 41.81
N ALA B 119 16.22 3.70 42.94
CA ALA B 119 17.04 2.83 43.78
C ALA B 119 16.72 1.35 43.57
N ASP B 120 15.65 1.04 42.87
CA ASP B 120 15.24 -0.33 42.60
C ASP B 120 16.30 -1.03 41.75
N PRO B 121 16.85 -2.17 42.19
CA PRO B 121 17.87 -2.86 41.38
C PRO B 121 17.29 -3.90 40.44
N THR B 122 15.99 -3.80 40.15
CA THR B 122 15.30 -4.87 39.42
C THR B 122 15.91 -5.09 38.04
N SER B 123 16.35 -4.03 37.38
CA SER B 123 16.79 -4.13 35.99
C SER B 123 18.31 -4.21 35.84
N GLU B 124 19.03 -4.48 36.92
CA GLU B 124 20.47 -4.65 36.84
C GLU B 124 20.82 -6.08 36.44
N ARG B 125 21.87 -6.22 35.62
CA ARG B 125 22.29 -7.55 35.18
C ARG B 125 22.68 -8.44 36.35
N TRP B 126 23.20 -7.85 37.43
CA TRP B 126 23.80 -8.62 38.52
C TRP B 126 22.85 -8.87 39.68
N PHE B 127 21.63 -8.32 39.67
CA PHE B 127 20.69 -8.52 40.77
C PHE B 127 19.77 -9.68 40.45
N HIS B 128 19.68 -10.64 41.36
CA HIS B 128 18.91 -11.86 41.14
C HIS B 128 17.83 -12.11 42.18
N GLY B 129 17.64 -11.20 43.13
CA GLY B 129 16.56 -11.36 44.09
C GLY B 129 16.73 -12.61 44.93
N HIS B 130 15.68 -13.42 44.98
CA HIS B 130 15.70 -14.66 45.75
C HIS B 130 16.66 -15.66 45.11
N LEU B 131 17.68 -16.07 45.84
CA LEU B 131 18.67 -17.01 45.35
C LEU B 131 19.42 -17.60 46.53
N SER B 132 19.57 -18.92 46.54
CA SER B 132 20.25 -19.59 47.64
C SER B 132 21.76 -19.44 47.51
N GLY B 133 22.46 -19.69 48.62
CA GLY B 133 23.90 -19.55 48.63
C GLY B 133 24.61 -20.55 47.75
N LYS B 134 24.03 -21.73 47.56
CA LYS B 134 24.63 -22.73 46.70
C LYS B 134 24.09 -22.70 45.27
N GLU B 135 22.90 -22.14 45.06
CA GLU B 135 22.46 -21.85 43.70
C GLU B 135 23.37 -20.84 43.04
N ALA B 136 23.66 -19.74 43.74
CA ALA B 136 24.62 -18.77 43.24
C ALA B 136 26.02 -19.39 43.12
N GLU B 137 26.36 -20.31 44.02
CA GLU B 137 27.64 -20.99 43.90
C GLU B 137 27.67 -21.92 42.70
N LYS B 138 26.55 -22.60 42.43
CA LYS B 138 26.48 -23.48 41.26
C LYS B 138 26.63 -22.69 39.96
N LEU B 139 25.92 -21.55 39.87
CA LEU B 139 25.98 -20.74 38.66
C LEU B 139 27.37 -20.14 38.46
N LEU B 140 27.96 -19.59 39.53
CA LEU B 140 29.29 -19.03 39.41
C LEU B 140 30.34 -20.10 39.14
N THR B 141 30.06 -21.35 39.52
CA THR B 141 31.00 -22.43 39.24
C THR B 141 30.87 -22.89 37.79
N GLU B 142 29.66 -22.92 37.25
CA GLU B 142 29.44 -23.43 35.91
C GLU B 142 29.67 -22.35 34.86
N LYS B 143 29.02 -21.19 35.02
CA LYS B 143 29.08 -20.12 34.04
C LYS B 143 30.04 -19.00 34.41
N GLY B 144 30.73 -19.11 35.56
CA GLY B 144 31.48 -17.99 36.08
C GLY B 144 32.92 -17.90 35.59
N LYS B 145 33.43 -16.68 35.66
CA LYS B 145 34.79 -16.32 35.28
C LYS B 145 35.40 -15.57 36.46
N HIS B 146 36.70 -15.29 36.39
CA HIS B 146 37.32 -14.44 37.40
C HIS B 146 36.71 -13.06 37.36
N GLY B 147 36.16 -12.61 38.49
CA GLY B 147 35.49 -11.34 38.56
C GLY B 147 34.01 -11.38 38.26
N SER B 148 33.45 -12.54 37.95
CA SER B 148 32.01 -12.66 37.78
C SER B 148 31.32 -12.57 39.13
N PHE B 149 30.30 -11.71 39.21
CA PHE B 149 29.65 -11.45 40.48
C PHE B 149 28.15 -11.35 40.29
N LEU B 150 27.43 -11.44 41.41
CA LEU B 150 25.99 -11.27 41.45
C LEU B 150 25.59 -10.81 42.84
N VAL B 151 24.39 -10.24 42.94
CA VAL B 151 23.84 -9.78 44.20
C VAL B 151 22.47 -10.43 44.39
N ARG B 152 22.25 -11.03 45.56
CA ARG B 152 21.03 -11.77 45.82
C ARG B 152 20.51 -11.43 47.21
N GLU B 153 19.25 -11.78 47.45
CA GLU B 153 18.65 -11.60 48.77
C GLU B 153 19.23 -12.61 49.75
N SER B 154 19.54 -12.15 50.95
CA SER B 154 20.02 -13.05 51.98
C SER B 154 18.90 -13.99 52.43
N GLN B 155 19.30 -15.21 52.79
CA GLN B 155 18.35 -16.23 53.23
C GLN B 155 18.49 -16.55 54.72
N SER B 156 19.36 -15.85 55.44
CA SER B 156 19.48 -15.96 56.88
C SER B 156 18.96 -14.74 57.61
N HIS B 157 19.16 -13.55 57.05
CA HIS B 157 18.66 -12.30 57.61
C HIS B 157 17.84 -11.58 56.55
N PRO B 158 16.51 -11.55 56.68
CA PRO B 158 15.69 -10.91 55.64
C PRO B 158 15.98 -9.42 55.51
N GLY B 159 15.68 -8.88 54.33
CA GLY B 159 15.97 -7.50 54.02
C GLY B 159 17.40 -7.21 53.66
N ASP B 160 18.34 -8.05 54.08
CA ASP B 160 19.75 -7.91 53.75
C ASP B 160 20.05 -8.63 52.43
N PHE B 161 21.26 -8.43 51.91
CA PHE B 161 21.64 -8.95 50.60
C PHE B 161 23.03 -9.56 50.66
N VAL B 162 23.37 -10.35 49.65
CA VAL B 162 24.66 -11.04 49.57
C VAL B 162 25.31 -10.74 48.23
N LEU B 163 26.57 -10.35 48.25
CA LEU B 163 27.37 -10.17 47.05
C LEU B 163 28.30 -11.38 46.91
N SER B 164 28.13 -12.13 45.83
CA SER B 164 28.88 -13.35 45.58
C SER B 164 29.80 -13.13 44.39
N VAL B 165 31.11 -13.28 44.61
CA VAL B 165 32.12 -12.99 43.61
C VAL B 165 32.98 -14.22 43.38
N ARG B 166 33.26 -14.53 42.12
CA ARG B 166 34.22 -15.55 41.77
C ARG B 166 35.57 -14.91 41.46
N THR B 167 36.64 -15.53 41.95
CA THR B 167 38.00 -15.14 41.62
C THR B 167 38.81 -16.41 41.42
N GLY B 168 39.90 -16.30 40.67
CA GLY B 168 40.77 -17.44 40.49
C GLY B 168 41.53 -17.34 39.17
N ASP B 169 41.93 -18.51 38.67
CA ASP B 169 42.78 -18.63 37.49
C ASP B 169 42.02 -18.91 36.21
N ASP B 170 40.97 -19.74 36.28
CA ASP B 170 40.16 -20.16 35.13
C ASP B 170 40.97 -20.43 33.86
N ASN B 175 38.10 -28.08 38.42
CA ASN B 175 37.80 -28.02 39.84
C ASN B 175 39.02 -28.38 40.68
N ASP B 176 40.15 -27.72 40.39
CA ASP B 176 41.40 -27.98 41.10
C ASP B 176 41.68 -26.95 42.18
N GLY B 177 40.66 -26.26 42.67
CA GLY B 177 40.86 -25.28 43.71
C GLY B 177 41.62 -24.04 43.29
N LYS B 178 41.85 -23.84 42.00
CA LYS B 178 42.51 -22.63 41.52
C LYS B 178 41.58 -21.43 41.54
N SER B 179 40.28 -21.66 41.62
CA SER B 179 39.29 -20.60 41.72
C SER B 179 38.44 -20.81 42.96
N LYS B 180 37.72 -19.76 43.35
CA LYS B 180 36.91 -19.80 44.55
C LYS B 180 35.75 -18.83 44.41
N VAL B 181 34.77 -18.98 45.30
CA VAL B 181 33.65 -18.06 45.41
C VAL B 181 33.68 -17.44 46.80
N THR B 182 33.55 -16.13 46.87
CA THR B 182 33.51 -15.40 48.12
C THR B 182 32.17 -14.71 48.27
N HIS B 183 31.58 -14.81 49.46
CA HIS B 183 30.31 -14.18 49.76
C HIS B 183 30.54 -13.03 50.74
N VAL B 184 30.00 -11.85 50.41
CA VAL B 184 30.14 -10.66 51.22
C VAL B 184 28.75 -10.23 51.68
N MET B 185 28.60 -10.07 52.98
CA MET B 185 27.31 -9.73 53.58
C MET B 185 27.00 -8.27 53.25
N ILE B 186 25.77 -7.99 52.83
CA ILE B 186 25.32 -6.62 52.57
C ILE B 186 24.17 -6.34 53.53
N ARG B 187 24.41 -5.44 54.49
CA ARG B 187 23.40 -5.08 55.47
C ARG B 187 22.54 -3.94 54.96
N CYS B 188 21.24 -4.02 55.23
CA CYS B 188 20.30 -2.93 54.94
C CYS B 188 19.91 -2.30 56.27
N GLN B 189 20.35 -1.07 56.49
CA GLN B 189 20.09 -0.35 57.74
C GLN B 189 19.53 1.03 57.38
N GLU B 190 18.24 1.22 57.64
CA GLU B 190 17.56 2.50 57.39
C GLU B 190 17.66 2.90 55.92
N LEU B 191 17.30 1.98 55.03
CA LEU B 191 17.30 2.18 53.59
C LEU B 191 18.67 2.52 53.04
N LYS B 192 19.73 2.15 53.77
CA LYS B 192 21.10 2.34 53.30
C LYS B 192 21.82 0.99 53.37
N TYR B 193 22.79 0.82 52.48
CA TYR B 193 23.47 -0.46 52.30
C TYR B 193 24.96 -0.31 52.53
N ASP B 194 25.54 -1.28 53.24
CA ASP B 194 26.95 -1.27 53.56
C ASP B 194 27.45 -2.71 53.64
N VAL B 195 28.77 -2.86 53.57
CA VAL B 195 29.39 -4.19 53.62
C VAL B 195 29.98 -4.42 55.01
N GLY B 196 29.37 -3.84 56.03
CA GLY B 196 29.81 -4.00 57.41
C GLY B 196 30.67 -2.88 57.94
N GLY B 197 31.11 -1.97 57.08
CA GLY B 197 31.94 -0.86 57.51
C GLY B 197 32.16 0.09 56.36
N GLY B 198 32.63 1.29 56.70
CA GLY B 198 32.90 2.29 55.68
C GLY B 198 31.66 3.09 55.36
N GLU B 199 31.42 3.30 54.07
CA GLU B 199 30.34 4.17 53.62
C GLU B 199 29.01 3.40 53.53
N ARG B 200 27.93 4.14 53.74
CA ARG B 200 26.57 3.63 53.61
C ARG B 200 25.95 4.22 52.35
N PHE B 201 25.43 3.35 51.48
CA PHE B 201 24.98 3.74 50.16
C PHE B 201 23.46 3.77 50.07
N ASP B 202 22.94 4.66 49.21
CA ASP B 202 21.51 4.82 49.04
C ASP B 202 20.87 3.71 48.22
N SER B 203 21.65 2.89 47.53
CA SER B 203 21.11 1.81 46.71
C SER B 203 22.18 0.74 46.55
N LEU B 204 21.72 -0.46 46.18
CA LEU B 204 22.65 -1.53 45.89
C LEU B 204 23.54 -1.19 44.70
N THR B 205 23.01 -0.42 43.75
CA THR B 205 23.78 -0.05 42.57
C THR B 205 24.95 0.85 42.94
N ASP B 206 24.70 1.87 43.77
CA ASP B 206 25.79 2.74 44.22
C ASP B 206 26.84 1.94 44.98
N LEU B 207 26.40 1.00 45.82
CA LEU B 207 27.34 0.12 46.51
C LEU B 207 28.16 -0.70 45.51
N VAL B 208 27.47 -1.35 44.57
CA VAL B 208 28.16 -2.16 43.56
C VAL B 208 29.11 -1.31 42.75
N GLU B 209 28.66 -0.10 42.35
CA GLU B 209 29.51 0.77 41.56
C GLU B 209 30.75 1.20 42.33
N HIS B 210 30.60 1.48 43.63
CA HIS B 210 31.74 1.91 44.42
C HIS B 210 32.77 0.81 44.56
N TYR B 211 32.36 -0.39 44.97
CA TYR B 211 33.29 -1.49 45.16
C TYR B 211 33.70 -2.13 43.85
N LYS B 212 33.16 -1.67 42.72
CA LYS B 212 33.73 -2.01 41.42
C LYS B 212 34.92 -1.10 41.10
N LYS B 213 34.82 0.18 41.47
CA LYS B 213 35.94 1.10 41.27
C LYS B 213 36.99 0.94 42.36
N ASN B 214 36.57 0.65 43.59
CA ASN B 214 37.46 0.44 44.73
C ASN B 214 37.22 -0.98 45.24
N PRO B 215 37.88 -1.98 44.64
CA PRO B 215 37.59 -3.37 45.01
C PRO B 215 37.98 -3.67 46.46
N MET B 216 37.18 -4.48 47.12
CA MET B 216 37.51 -4.96 48.45
C MET B 216 38.72 -5.89 48.38
N VAL B 217 39.60 -5.77 49.36
CA VAL B 217 40.79 -6.60 49.46
C VAL B 217 40.67 -7.48 50.69
N GLU B 218 40.87 -8.78 50.52
CA GLU B 218 40.73 -9.71 51.63
C GLU B 218 41.93 -9.59 52.57
N THR B 219 41.77 -10.18 53.76
CA THR B 219 42.79 -10.06 54.80
C THR B 219 44.12 -10.66 54.37
N LEU B 220 44.10 -11.62 53.45
CA LEU B 220 45.29 -12.31 53.00
C LEU B 220 45.74 -11.90 51.61
N GLY B 221 45.09 -10.90 51.01
CA GLY B 221 45.56 -10.31 49.76
C GLY B 221 44.63 -10.43 48.58
N THR B 222 43.61 -11.29 48.62
CA THR B 222 42.75 -11.48 47.47
C THR B 222 41.93 -10.23 47.18
N VAL B 223 42.02 -9.75 45.94
CA VAL B 223 41.27 -8.59 45.49
C VAL B 223 39.96 -9.07 44.86
N LEU B 224 38.83 -8.73 45.49
CA LEU B 224 37.52 -9.15 45.02
C LEU B 224 37.06 -8.19 43.92
N GLN B 225 37.65 -8.36 42.74
CA GLN B 225 37.30 -7.52 41.60
C GLN B 225 35.92 -7.88 41.08
N LEU B 226 35.08 -6.85 40.91
CA LEU B 226 33.77 -7.01 40.29
C LEU B 226 33.93 -6.62 38.82
N LYS B 227 34.30 -7.58 37.99
CA LYS B 227 34.66 -7.29 36.61
C LYS B 227 33.45 -7.29 35.68
N GLN B 228 32.59 -8.30 35.79
CA GLN B 228 31.41 -8.38 34.94
C GLN B 228 30.31 -9.13 35.69
N PRO B 229 29.05 -8.79 35.45
CA PRO B 229 27.97 -9.60 36.03
C PRO B 229 27.99 -11.00 35.46
N LEU B 230 27.60 -11.97 36.29
CA LEU B 230 27.53 -13.34 35.82
C LEU B 230 26.50 -13.45 34.71
N ASN B 231 26.93 -13.99 33.57
CA ASN B 231 26.01 -14.23 32.46
C ASN B 231 25.02 -15.32 32.86
N THR B 232 23.73 -15.02 32.75
CA THR B 232 22.69 -16.00 32.98
C THR B 232 21.75 -16.14 31.78
N THR B 233 22.01 -15.43 30.69
CA THR B 233 21.14 -15.45 29.52
C THR B 233 21.64 -16.35 28.41
N ARG B 234 22.94 -16.63 28.35
CA ARG B 234 23.47 -17.55 27.36
C ARG B 234 23.02 -18.97 27.69
N ILE B 235 22.24 -19.57 26.79
CA ILE B 235 21.74 -20.92 27.00
C ILE B 235 22.16 -21.78 25.82
N ASN B 236 22.20 -23.09 26.06
CA ASN B 236 22.37 -24.04 24.97
C ASN B 236 21.11 -24.07 24.11
N ALA B 237 21.32 -24.17 22.79
CA ALA B 237 20.20 -24.06 21.86
C ALA B 237 19.11 -25.08 22.14
N ALA B 238 19.47 -26.27 22.64
CA ALA B 238 18.47 -27.26 22.98
C ALA B 238 17.68 -26.88 24.23
N GLU B 239 18.23 -26.00 25.06
CA GLU B 239 17.58 -25.55 26.29
C GLU B 239 16.58 -24.42 26.06
N ILE B 240 16.24 -24.12 24.80
CA ILE B 240 15.42 -22.94 24.50
C ILE B 240 14.02 -23.12 25.09
N GLU B 241 13.43 -24.30 24.89
CA GLU B 241 12.06 -24.53 25.32
C GLU B 241 11.93 -24.42 26.83
N SER B 242 12.91 -24.95 27.57
CA SER B 242 12.89 -24.84 29.02
C SER B 242 13.05 -23.39 29.47
N ARG B 243 13.86 -22.62 28.76
CA ARG B 243 14.04 -21.21 29.12
C ARG B 243 12.78 -20.39 28.83
N VAL B 244 12.16 -20.62 27.67
CA VAL B 244 10.93 -19.90 27.33
C VAL B 244 9.83 -20.21 28.34
N ARG B 245 9.68 -21.48 28.70
CA ARG B 245 8.70 -21.85 29.72
C ARG B 245 8.97 -21.14 31.04
N GLU B 246 10.25 -21.08 31.44
CA GLU B 246 10.62 -20.33 32.63
C GLU B 246 10.26 -18.85 32.48
N LEU B 247 10.59 -18.27 31.32
CA LEU B 247 10.34 -16.85 31.12
C LEU B 247 8.86 -16.55 31.01
N SER B 248 8.06 -17.52 30.54
CA SER B 248 6.61 -17.31 30.46
C SER B 248 5.93 -17.35 31.82
N LYS B 249 6.63 -17.81 32.87
CA LYS B 249 6.05 -17.83 34.20
C LYS B 249 5.99 -16.43 34.79
N GLN B 259 6.15 -11.42 34.57
CA GLN B 259 6.78 -12.46 33.77
C GLN B 259 8.29 -12.30 33.71
N GLY B 260 9.01 -13.42 33.67
CA GLY B 260 10.45 -13.36 33.52
C GLY B 260 10.88 -12.68 32.24
N PHE B 261 10.07 -12.81 31.18
CA PHE B 261 10.35 -12.11 29.92
C PHE B 261 10.52 -10.62 30.15
N TRP B 262 9.60 -10.02 30.93
CA TRP B 262 9.64 -8.59 31.17
C TRP B 262 10.88 -8.18 31.95
N GLU B 263 11.21 -8.93 32.99
CA GLU B 263 12.37 -8.59 33.82
C GLU B 263 13.66 -8.68 33.00
N GLU B 264 13.78 -9.69 32.14
CA GLU B 264 14.97 -9.82 31.31
C GLU B 264 15.03 -8.73 30.25
N PHE B 265 13.91 -8.46 29.59
CA PHE B 265 13.87 -7.43 28.56
C PHE B 265 14.25 -6.07 29.13
N GLU B 266 13.66 -5.70 30.27
CA GLU B 266 13.95 -4.39 30.86
C GLU B 266 15.38 -4.34 31.39
N THR B 267 15.95 -5.48 31.76
CA THR B 267 17.37 -5.50 32.11
C THR B 267 18.22 -5.20 30.88
N LEU B 268 17.80 -5.68 29.71
CA LEU B 268 18.46 -5.29 28.47
C LEU B 268 18.26 -3.81 28.18
N GLN B 269 17.03 -3.31 28.41
CA GLN B 269 16.75 -1.90 28.13
C GLN B 269 17.61 -0.97 28.98
N GLN B 270 17.91 -1.38 30.21
CA GLN B 270 18.77 -0.57 31.06
C GLN B 270 20.15 -0.36 30.45
N GLN B 271 20.64 -1.34 29.69
CA GLN B 271 21.95 -1.26 29.07
C GLN B 271 22.01 -0.34 27.86
N GLU B 272 20.87 0.24 27.45
CA GLU B 272 20.86 1.11 26.29
C GLU B 272 21.60 2.42 26.53
N CYS B 273 21.84 2.79 27.80
CA CYS B 273 22.57 4.02 28.08
C CYS B 273 24.05 3.92 27.74
N LYS B 274 24.57 2.72 27.47
CA LYS B 274 25.94 2.55 27.02
C LYS B 274 26.10 2.78 25.52
N LEU B 275 25.00 3.01 24.79
CA LEU B 275 25.01 3.03 23.32
C LEU B 275 24.63 4.39 22.77
N LEU B 276 24.89 5.46 23.53
CA LEU B 276 24.54 6.81 23.07
C LEU B 276 25.68 7.39 22.21
N TYR B 277 25.98 6.68 21.13
CA TYR B 277 27.04 7.07 20.23
C TYR B 277 26.61 8.26 19.37
N SER B 278 27.61 8.96 18.85
CA SER B 278 27.37 10.19 18.11
C SER B 278 26.61 9.91 16.81
N ARG B 279 25.77 10.87 16.44
CA ARG B 279 24.99 10.81 15.20
C ARG B 279 25.06 12.18 14.51
N LYS B 280 26.29 12.71 14.40
CA LYS B 280 26.48 14.08 13.93
C LYS B 280 26.06 14.24 12.47
N GLU B 281 26.44 13.29 11.62
CA GLU B 281 26.19 13.45 10.19
C GLU B 281 24.70 13.51 9.88
N GLY B 282 23.88 12.72 10.59
CA GLY B 282 22.45 12.77 10.39
C GLY B 282 21.81 14.07 10.85
N GLN B 283 22.51 14.86 11.66
CA GLN B 283 21.97 16.12 12.17
C GLN B 283 22.37 17.33 11.33
N ARG B 284 23.25 17.16 10.36
CA ARG B 284 23.64 18.28 9.51
C ARG B 284 22.46 18.76 8.68
N GLN B 285 22.42 20.09 8.45
CA GLN B 285 21.29 20.70 7.77
C GLN B 285 21.02 20.05 6.41
N GLU B 286 22.08 19.75 5.67
CA GLU B 286 21.91 19.15 4.34
C GLU B 286 21.29 17.76 4.40
N ASN B 287 21.34 17.09 5.55
CA ASN B 287 20.85 15.73 5.68
C ASN B 287 19.54 15.63 6.45
N LYS B 288 19.01 16.75 6.96
CA LYS B 288 17.82 16.69 7.81
C LYS B 288 16.63 16.10 7.07
N ASN B 289 16.41 16.53 5.84
CA ASN B 289 15.27 16.06 5.06
C ASN B 289 15.48 14.67 4.47
N LYS B 290 16.64 14.06 4.69
CA LYS B 290 16.88 12.69 4.29
C LYS B 290 16.52 11.68 5.37
N ASN B 291 15.94 12.15 6.47
CA ASN B 291 15.54 11.29 7.58
C ASN B 291 14.02 11.23 7.65
N ARG B 292 13.47 10.01 7.69
CA ARG B 292 12.03 9.85 7.84
C ARG B 292 11.56 10.44 9.16
N TYR B 293 12.29 10.17 10.24
CA TYR B 293 11.99 10.73 11.55
C TYR B 293 13.21 11.50 12.03
N LYS B 294 12.97 12.75 12.46
CA LYS B 294 14.05 13.72 12.63
C LYS B 294 15.09 13.27 13.65
N ASN B 295 14.68 12.54 14.69
CA ASN B 295 15.60 12.15 15.75
C ASN B 295 15.95 10.67 15.73
N ILE B 296 15.56 9.94 14.70
CA ILE B 296 15.92 8.53 14.54
C ILE B 296 17.01 8.49 13.48
N LEU B 297 18.27 8.48 13.94
CA LEU B 297 19.43 8.75 13.11
C LEU B 297 20.45 7.62 13.18
N PRO B 298 21.29 7.47 12.15
CA PRO B 298 22.30 6.41 12.18
C PRO B 298 23.55 6.84 12.93
N PHE B 299 24.12 5.90 13.68
CA PHE B 299 25.42 6.13 14.30
C PHE B 299 26.45 6.50 13.25
N ASP B 300 27.28 7.50 13.57
CA ASP B 300 28.30 7.93 12.62
C ASP B 300 29.28 6.81 12.29
N HIS B 301 29.57 5.95 13.28
CA HIS B 301 30.66 5.00 13.11
C HIS B 301 30.26 3.73 12.38
N THR B 302 28.97 3.53 12.09
CA THR B 302 28.53 2.40 11.28
C THR B 302 27.66 2.81 10.10
N ARG B 303 27.40 4.10 9.92
CA ARG B 303 26.53 4.54 8.84
C ARG B 303 27.12 4.16 7.48
N VAL B 304 26.23 3.97 6.51
CA VAL B 304 26.64 3.66 5.15
C VAL B 304 27.09 4.97 4.49
N VAL B 305 28.36 5.06 4.12
CA VAL B 305 28.90 6.24 3.47
C VAL B 305 28.80 6.03 1.95
N LEU B 306 28.08 6.93 1.29
CA LEU B 306 27.89 6.85 -0.15
C LEU B 306 28.99 7.62 -0.87
N HIS B 307 29.74 6.94 -1.72
CA HIS B 307 30.81 7.55 -2.47
C HIS B 307 30.39 7.82 -3.91
N ASP B 308 31.26 8.52 -4.63
CA ASP B 308 31.03 8.86 -6.03
C ASP B 308 29.70 9.58 -6.24
N GLY B 309 29.43 10.55 -5.36
CA GLY B 309 28.25 11.36 -5.50
C GLY B 309 28.42 12.45 -6.54
N ASP B 310 27.30 13.07 -6.89
CA ASP B 310 27.27 14.21 -7.80
C ASP B 310 28.24 15.28 -7.30
N PRO B 311 29.21 15.69 -8.12
CA PRO B 311 30.15 16.73 -7.67
C PRO B 311 29.48 18.05 -7.32
N ASN B 312 28.27 18.31 -7.81
CA ASN B 312 27.59 19.56 -7.51
C ASN B 312 26.89 19.53 -6.16
N GLU B 313 26.47 18.35 -5.70
CA GLU B 313 25.76 18.25 -4.43
C GLU B 313 26.74 18.36 -3.27
N PRO B 314 26.61 19.37 -2.41
CA PRO B 314 27.59 19.54 -1.31
C PRO B 314 27.75 18.30 -0.46
N VAL B 315 26.65 17.79 0.08
CA VAL B 315 26.65 16.55 0.86
C VAL B 315 25.93 15.49 0.05
N SER B 316 26.68 14.54 -0.50
CA SER B 316 26.12 13.45 -1.28
C SER B 316 26.46 12.09 -0.70
N ASP B 317 26.97 12.04 0.53
CA ASP B 317 27.48 10.80 1.11
C ASP B 317 26.56 10.20 2.15
N TYR B 318 25.36 10.74 2.34
CA TYR B 318 24.53 10.40 3.48
C TYR B 318 23.30 9.62 3.06
N ILE B 319 23.00 8.57 3.83
CA ILE B 319 21.73 7.88 3.83
C ILE B 319 21.48 7.35 5.23
N ASN B 320 20.21 7.35 5.64
CA ASN B 320 19.85 6.84 6.97
C ASN B 320 19.91 5.31 6.91
N ALA B 321 21.10 4.78 7.16
CA ALA B 321 21.34 3.34 7.07
C ALA B 321 22.61 3.04 7.84
N ASN B 322 22.67 1.82 8.38
CA ASN B 322 23.84 1.36 9.10
C ASN B 322 24.21 -0.06 8.68
N ILE B 323 25.51 -0.31 8.54
CA ILE B 323 26.00 -1.67 8.44
C ILE B 323 25.82 -2.36 9.78
N ILE B 324 25.22 -3.54 9.77
CA ILE B 324 25.08 -4.38 10.96
C ILE B 324 25.96 -5.61 10.76
N MET B 325 26.97 -5.77 11.61
CA MET B 325 27.92 -6.86 11.53
C MET B 325 27.65 -7.83 12.68
N PRO B 326 27.43 -9.11 12.43
CA PRO B 326 27.31 -10.05 13.55
C PRO B 326 28.67 -10.36 14.15
N GLU B 327 28.66 -10.66 15.44
CA GLU B 327 29.88 -11.02 16.16
C GLU B 327 29.55 -11.60 17.53
N LYS B 338 28.69 -15.10 8.96
CA LYS B 338 29.19 -14.87 7.62
C LYS B 338 28.47 -13.70 6.95
N LYS B 339 27.15 -13.69 7.10
CA LYS B 339 26.29 -12.73 6.42
C LYS B 339 26.15 -11.46 7.25
N SER B 340 26.21 -10.31 6.57
CA SER B 340 26.03 -9.01 7.18
CA SER B 340 26.01 -9.02 7.20
C SER B 340 24.80 -8.33 6.59
N TYR B 341 24.40 -7.23 7.21
CA TYR B 341 23.15 -6.58 6.86
C TYR B 341 23.35 -5.07 6.75
N ILE B 342 22.42 -4.45 6.03
CA ILE B 342 22.21 -3.00 6.06
C ILE B 342 20.82 -2.77 6.61
N ALA B 343 20.74 -2.10 7.75
CA ALA B 343 19.48 -1.71 8.36
C ALA B 343 19.20 -0.26 8.00
N THR B 344 18.05 -0.02 7.37
CA THR B 344 17.75 1.31 6.86
C THR B 344 16.26 1.57 6.98
N GLN B 345 15.90 2.84 6.77
CA GLN B 345 14.52 3.29 6.85
C GLN B 345 13.80 3.05 5.53
N GLY B 346 12.47 3.17 5.57
CA GLY B 346 11.68 3.17 4.35
C GLY B 346 12.01 4.40 3.53
N CYS B 347 12.17 4.22 2.23
CA CYS B 347 12.58 5.32 1.36
C CYS B 347 11.59 6.47 1.44
N LEU B 348 12.13 7.69 1.43
CA LEU B 348 11.33 8.86 1.12
C LEU B 348 11.45 9.14 -0.38
N GLN B 349 10.54 9.97 -0.89
CA GLN B 349 10.58 10.33 -2.31
C GLN B 349 11.92 10.94 -2.69
N ASN B 350 12.54 11.68 -1.79
CA ASN B 350 13.80 12.36 -2.06
C ASN B 350 15.03 11.53 -1.71
N THR B 351 14.86 10.28 -1.27
CA THR B 351 15.99 9.40 -0.97
C THR B 351 15.96 8.12 -1.78
N VAL B 352 15.05 8.01 -2.75
CA VAL B 352 14.99 6.80 -3.59
C VAL B 352 16.29 6.63 -4.37
N ASN B 353 16.79 7.72 -4.96
CA ASN B 353 18.03 7.65 -5.72
C ASN B 353 19.20 7.24 -4.83
N ASP B 354 19.27 7.79 -3.62
CA ASP B 354 20.36 7.43 -2.71
C ASP B 354 20.25 5.98 -2.27
N PHE B 355 19.02 5.46 -2.11
CA PHE B 355 18.84 4.05 -1.77
C PHE B 355 19.46 3.15 -2.82
N TRP B 356 19.23 3.45 -4.10
CA TRP B 356 19.77 2.60 -5.16
C TRP B 356 21.27 2.79 -5.30
N ARG B 357 21.78 4.00 -5.03
CA ARG B 357 23.23 4.18 -4.95
C ARG B 357 23.83 3.26 -3.90
N MET B 358 23.15 3.12 -2.75
CA MET B 358 23.69 2.30 -1.68
C MET B 358 23.62 0.82 -2.03
N VAL B 359 22.51 0.37 -2.61
CA VAL B 359 22.38 -1.03 -3.01
C VAL B 359 23.45 -1.39 -4.03
N PHE B 360 23.71 -0.50 -4.98
CA PHE B 360 24.71 -0.77 -6.01
C PHE B 360 26.11 -0.75 -5.42
N GLN B 361 26.43 0.28 -4.63
CA GLN B 361 27.78 0.42 -4.10
C GLN B 361 28.16 -0.74 -3.19
N GLU B 362 27.22 -1.20 -2.36
CA GLU B 362 27.48 -2.26 -1.40
C GLU B 362 27.30 -3.66 -2.00
N ASN B 363 26.97 -3.76 -3.29
CA ASN B 363 26.81 -5.04 -3.98
C ASN B 363 25.71 -5.89 -3.36
N SER B 364 24.74 -5.26 -2.70
CA SER B 364 23.62 -6.00 -2.13
C SER B 364 22.79 -6.64 -3.25
N ARG B 365 22.40 -7.89 -3.03
CA ARG B 365 21.59 -8.63 -3.99
C ARG B 365 20.24 -9.01 -3.45
N VAL B 366 19.96 -8.77 -2.16
CA VAL B 366 18.71 -9.15 -1.53
C VAL B 366 18.22 -7.99 -0.68
N ILE B 367 16.97 -7.59 -0.88
CA ILE B 367 16.33 -6.56 -0.07
C ILE B 367 15.16 -7.19 0.66
N VAL B 368 15.10 -6.97 1.97
CA VAL B 368 13.99 -7.42 2.81
C VAL B 368 13.20 -6.19 3.24
N MET B 369 11.93 -6.15 2.84
CA MET B 369 11.04 -5.06 3.21
C MET B 369 9.93 -5.63 4.09
N THR B 370 9.74 -5.03 5.27
CA THR B 370 8.88 -5.61 6.30
C THR B 370 7.75 -4.66 6.68
N THR B 371 7.29 -3.83 5.73
CA THR B 371 6.10 -3.02 5.92
C THR B 371 5.38 -2.91 4.60
N LYS B 372 4.10 -2.59 4.67
CA LYS B 372 3.40 -2.14 3.47
C LYS B 372 3.84 -0.72 3.15
N GLU B 373 3.57 -0.29 1.91
CA GLU B 373 3.83 1.09 1.55
C GLU B 373 3.04 2.04 2.45
N VAL B 374 1.80 1.68 2.77
CA VAL B 374 0.91 2.51 3.57
C VAL B 374 0.31 1.63 4.65
N GLU B 375 0.37 2.09 5.90
CA GLU B 375 -0.29 1.43 7.02
C GLU B 375 -1.01 2.49 7.83
N ARG B 376 -2.28 2.21 8.15
CA ARG B 376 -3.14 3.17 8.85
C ARG B 376 -3.19 4.52 8.13
N GLY B 377 -3.19 4.46 6.79
CA GLY B 377 -3.29 5.64 5.96
C GLY B 377 -2.05 6.50 5.89
N LYS B 378 -0.95 6.10 6.53
CA LYS B 378 0.28 6.88 6.56
C LYS B 378 1.35 6.18 5.73
N SER B 379 2.09 6.97 4.95
CA SER B 379 3.15 6.42 4.12
C SER B 379 4.30 5.93 4.99
N LYS B 380 4.58 4.63 4.93
CA LYS B 380 5.71 4.04 5.65
C LYS B 380 6.93 3.86 4.78
N CYS B 381 6.75 3.75 3.47
CA CYS B 381 7.86 3.60 2.53
C CYS B 381 7.32 3.85 1.13
N VAL B 382 7.93 4.79 0.41
CA VAL B 382 7.50 5.05 -0.96
C VAL B 382 7.92 3.88 -1.85
N LYS B 383 7.19 3.73 -2.95
CA LYS B 383 7.47 2.66 -3.91
C LYS B 383 8.73 3.02 -4.69
N TYR B 384 9.85 2.38 -4.33
CA TYR B 384 11.14 2.67 -4.94
C TYR B 384 11.49 1.70 -6.06
N TRP B 385 10.56 0.83 -6.46
CA TRP B 385 10.78 -0.14 -7.51
C TRP B 385 9.75 0.04 -8.61
N PRO B 386 10.08 -0.33 -9.84
CA PRO B 386 9.13 -0.15 -10.95
C PRO B 386 8.02 -1.19 -10.90
N ASP B 387 6.93 -0.87 -11.61
CA ASP B 387 5.88 -1.85 -11.84
C ASP B 387 6.46 -3.06 -12.57
N GLU B 388 5.79 -4.20 -12.43
CA GLU B 388 6.25 -5.42 -13.06
C GLU B 388 6.44 -5.21 -14.56
N TYR B 389 7.59 -5.69 -15.07
CA TYR B 389 7.97 -5.60 -16.48
C TYR B 389 8.42 -4.21 -16.90
N ALA B 390 8.31 -3.23 -16.01
CA ALA B 390 8.66 -1.86 -16.35
C ALA B 390 10.11 -1.55 -16.03
N LEU B 391 10.61 -0.48 -16.65
CA LEU B 391 12.00 -0.05 -16.50
C LEU B 391 12.00 1.42 -16.07
N LYS B 392 12.80 1.74 -15.05
CA LYS B 392 12.88 3.10 -14.53
C LYS B 392 14.33 3.46 -14.23
N GLU B 393 14.62 4.75 -14.35
CA GLU B 393 15.92 5.30 -13.96
C GLU B 393 15.74 6.12 -12.68
N TYR B 394 16.54 5.79 -11.67
CA TYR B 394 16.56 6.53 -10.40
C TYR B 394 17.90 7.22 -10.32
N GLY B 395 17.98 8.44 -10.85
CA GLY B 395 19.27 9.08 -10.99
C GLY B 395 20.12 8.32 -11.98
N VAL B 396 21.35 8.02 -11.58
CA VAL B 396 22.27 7.27 -12.44
C VAL B 396 22.05 5.76 -12.38
N MET B 397 21.06 5.31 -11.61
CA MET B 397 20.79 3.88 -11.45
C MET B 397 19.56 3.49 -12.27
N ARG B 398 19.64 2.35 -12.94
CA ARG B 398 18.57 1.84 -13.78
C ARG B 398 18.06 0.52 -13.21
N VAL B 399 16.74 0.39 -13.08
CA VAL B 399 16.12 -0.76 -12.45
C VAL B 399 14.98 -1.28 -13.33
N ARG B 400 15.03 -2.57 -13.65
CA ARG B 400 13.94 -3.26 -14.34
C ARG B 400 13.30 -4.26 -13.39
N ASN B 401 11.98 -4.23 -13.30
CA ASN B 401 11.23 -5.25 -12.56
C ASN B 401 10.98 -6.41 -13.51
N VAL B 402 11.73 -7.49 -13.34
CA VAL B 402 11.67 -8.60 -14.29
C VAL B 402 10.40 -9.42 -14.08
N LYS B 403 10.06 -9.71 -12.83
CA LYS B 403 8.96 -10.61 -12.53
C LYS B 403 8.63 -10.50 -11.06
N GLU B 404 7.33 -10.54 -10.74
CA GLU B 404 6.86 -10.62 -9.37
C GLU B 404 6.26 -11.99 -9.12
N SER B 405 6.48 -12.53 -7.93
CA SER B 405 5.97 -13.83 -7.53
C SER B 405 5.31 -13.69 -6.16
N ALA B 406 4.04 -14.07 -6.07
CA ALA B 406 3.25 -13.90 -4.87
C ALA B 406 3.24 -15.19 -4.07
N ALA B 407 3.68 -15.11 -2.81
CA ALA B 407 3.48 -16.15 -1.82
C ALA B 407 2.38 -15.69 -0.85
N HIS B 408 2.09 -16.53 0.15
CA HIS B 408 0.99 -16.20 1.06
C HIS B 408 1.34 -14.99 1.93
N ASP B 409 2.54 -14.98 2.50
CA ASP B 409 2.95 -13.93 3.41
C ASP B 409 3.80 -12.85 2.77
N TYR B 410 4.27 -13.03 1.54
CA TYR B 410 5.18 -12.08 0.96
C TYR B 410 5.09 -12.11 -0.57
N THR B 411 5.67 -11.09 -1.19
CA THR B 411 5.81 -10.99 -2.62
C THR B 411 7.29 -10.86 -2.97
N LEU B 412 7.74 -11.68 -3.92
CA LEU B 412 9.12 -11.63 -4.40
C LEU B 412 9.16 -10.84 -5.70
N ARG B 413 10.12 -9.92 -5.80
CA ARG B 413 10.30 -9.11 -7.01
C ARG B 413 11.72 -9.28 -7.51
N GLU B 414 11.86 -9.83 -8.71
CA GLU B 414 13.16 -9.99 -9.36
C GLU B 414 13.48 -8.70 -10.11
N LEU B 415 14.45 -7.95 -9.58
CA LEU B 415 14.86 -6.68 -10.16
C LEU B 415 16.25 -6.82 -10.78
N LYS B 416 16.49 -6.04 -11.83
CA LYS B 416 17.83 -5.92 -12.42
C LYS B 416 18.30 -4.49 -12.22
N LEU B 417 19.41 -4.34 -11.50
CA LEU B 417 19.97 -3.04 -11.17
C LEU B 417 21.27 -2.84 -11.96
N SER B 418 21.40 -1.68 -12.59
CA SER B 418 22.60 -1.36 -13.34
C SER B 418 22.79 0.14 -13.35
N LYS B 419 24.03 0.56 -13.64
CA LYS B 419 24.37 1.96 -13.74
C LYS B 419 24.21 2.42 -15.18
N VAL B 420 23.56 3.56 -15.37
CA VAL B 420 23.35 4.07 -16.73
C VAL B 420 24.69 4.27 -17.41
N GLY B 421 24.74 3.96 -18.71
CA GLY B 421 25.95 4.09 -19.48
C GLY B 421 27.00 3.01 -19.24
N GLN B 422 26.70 2.00 -18.42
CA GLN B 422 27.65 0.92 -18.13
C GLN B 422 26.85 -0.40 -18.08
N GLY B 423 26.72 -1.04 -19.24
CA GLY B 423 25.88 -2.23 -19.33
C GLY B 423 26.41 -3.41 -18.53
N ASN B 424 27.73 -3.53 -18.42
CA ASN B 424 28.33 -4.68 -17.73
C ASN B 424 28.18 -4.61 -16.22
N THR B 425 27.49 -3.61 -15.68
CA THR B 425 27.29 -3.48 -14.24
C THR B 425 25.99 -4.10 -13.76
N GLU B 426 25.24 -4.75 -14.64
CA GLU B 426 23.94 -5.29 -14.24
C GLU B 426 24.10 -6.44 -13.27
N ARG B 427 23.24 -6.45 -12.25
CA ARG B 427 23.13 -7.57 -11.34
C ARG B 427 21.68 -7.68 -10.90
N THR B 428 21.29 -8.90 -10.52
CA THR B 428 19.92 -9.16 -10.09
C THR B 428 19.79 -8.89 -8.60
N VAL B 429 18.78 -8.11 -8.23
CA VAL B 429 18.46 -7.81 -6.84
C VAL B 429 17.09 -8.39 -6.53
N TRP B 430 17.03 -9.27 -5.55
CA TRP B 430 15.80 -9.97 -5.18
C TRP B 430 15.17 -9.25 -3.99
N GLN B 431 14.03 -8.63 -4.22
CA GLN B 431 13.31 -7.91 -3.18
C GLN B 431 12.24 -8.81 -2.58
N TYR B 432 12.38 -9.12 -1.29
CA TYR B 432 11.41 -9.92 -0.56
C TYR B 432 10.54 -8.98 0.27
N HIS B 433 9.29 -8.81 -0.14
CA HIS B 433 8.37 -7.85 0.46
C HIS B 433 7.39 -8.61 1.36
N PHE B 434 7.69 -8.64 2.65
CA PHE B 434 6.77 -9.22 3.62
C PHE B 434 5.55 -8.32 3.79
N ARG B 435 4.36 -8.86 3.54
CA ARG B 435 3.16 -8.04 3.45
C ARG B 435 2.17 -8.21 4.59
N THR B 436 2.29 -9.27 5.39
CA THR B 436 1.23 -9.62 6.34
C THR B 436 1.56 -9.28 7.78
N TRP B 437 2.66 -8.58 8.05
CA TRP B 437 2.97 -8.18 9.42
C TRP B 437 1.86 -7.28 9.95
N PRO B 438 1.39 -7.50 11.18
CA PRO B 438 0.28 -6.68 11.69
C PRO B 438 0.67 -5.22 11.82
N ASP B 439 -0.34 -4.34 11.76
CA ASP B 439 -0.10 -2.91 11.87
C ASP B 439 0.54 -2.56 13.21
N HIS B 440 0.04 -3.16 14.29
CA HIS B 440 0.62 -3.02 15.62
C HIS B 440 1.07 -4.39 16.11
N GLY B 441 2.06 -4.40 17.01
CA GLY B 441 2.46 -5.65 17.61
C GLY B 441 3.21 -6.57 16.67
N VAL B 442 3.14 -7.87 16.97
CA VAL B 442 3.89 -8.88 16.24
C VAL B 442 2.92 -9.98 15.82
N PRO B 443 3.30 -10.80 14.84
CA PRO B 443 2.47 -11.95 14.48
C PRO B 443 2.29 -12.90 15.67
N SER B 444 1.14 -13.58 15.69
CA SER B 444 0.87 -14.54 16.75
C SER B 444 1.66 -15.83 16.59
N ASP B 445 2.16 -16.10 15.39
CA ASP B 445 2.90 -17.33 15.09
C ASP B 445 4.10 -16.98 14.21
N PRO B 446 5.27 -17.53 14.50
CA PRO B 446 6.48 -17.18 13.75
C PRO B 446 6.73 -18.00 12.49
N GLY B 447 5.87 -18.97 12.19
CA GLY B 447 6.13 -19.84 11.05
C GLY B 447 6.25 -19.09 9.74
N GLY B 448 5.38 -18.10 9.53
CA GLY B 448 5.45 -17.32 8.30
C GLY B 448 6.75 -16.54 8.18
N VAL B 449 7.16 -15.90 9.26
CA VAL B 449 8.42 -15.16 9.26
C VAL B 449 9.61 -16.10 9.06
N LEU B 450 9.54 -17.28 9.69
CA LEU B 450 10.65 -18.23 9.57
C LEU B 450 10.78 -18.79 8.16
N ASP B 451 9.65 -19.14 7.53
CA ASP B 451 9.68 -19.56 6.14
C ASP B 451 10.22 -18.45 5.24
N PHE B 452 9.79 -17.21 5.50
CA PHE B 452 10.34 -16.05 4.81
C PHE B 452 11.85 -15.98 4.94
N LEU B 453 12.35 -16.05 6.17
CA LEU B 453 13.79 -15.88 6.40
C LEU B 453 14.59 -17.01 5.77
N GLU B 454 14.10 -18.25 5.87
CA GLU B 454 14.80 -19.37 5.25
C GLU B 454 14.96 -19.16 3.74
N GLU B 455 13.92 -18.65 3.08
CA GLU B 455 14.01 -18.36 1.66
C GLU B 455 15.01 -17.24 1.40
N VAL B 456 14.96 -16.18 2.20
CA VAL B 456 15.89 -15.07 2.03
C VAL B 456 17.33 -15.54 2.21
N HIS B 457 17.57 -16.35 3.24
CA HIS B 457 18.91 -16.84 3.50
C HIS B 457 19.44 -17.67 2.34
N HIS B 458 18.60 -18.56 1.79
CA HIS B 458 19.06 -19.45 0.74
C HIS B 458 19.33 -18.70 -0.55
N LYS B 459 18.50 -17.68 -0.86
CA LYS B 459 18.79 -16.84 -2.02
C LYS B 459 20.14 -16.14 -1.85
N GLN B 460 20.36 -15.52 -0.68
CA GLN B 460 21.64 -14.87 -0.40
C GLN B 460 22.80 -15.85 -0.51
N GLU B 461 22.66 -17.03 0.10
CA GLU B 461 23.73 -18.01 0.09
C GLU B 461 24.04 -18.48 -1.34
N SER B 462 23.05 -18.45 -2.23
CA SER B 462 23.23 -18.93 -3.59
C SER B 462 23.98 -17.96 -4.48
N ILE B 463 24.24 -16.74 -4.02
CA ILE B 463 24.84 -15.69 -4.85
C ILE B 463 26.27 -15.46 -4.39
N MET B 464 27.22 -15.73 -5.28
CA MET B 464 28.63 -15.64 -4.94
C MET B 464 29.03 -14.19 -4.66
N ASP B 465 29.68 -13.97 -3.52
CA ASP B 465 30.21 -12.66 -3.13
C ASP B 465 29.12 -11.60 -3.06
N ALA B 466 27.90 -12.00 -2.72
CA ALA B 466 26.84 -11.03 -2.53
C ALA B 466 27.16 -10.12 -1.35
N GLY B 467 26.71 -8.87 -1.46
CA GLY B 467 26.91 -7.89 -0.41
C GLY B 467 25.98 -8.12 0.75
N PRO B 468 25.93 -7.16 1.67
CA PRO B 468 25.03 -7.28 2.83
C PRO B 468 23.57 -7.27 2.41
N VAL B 469 22.75 -7.97 3.19
CA VAL B 469 21.31 -8.03 2.94
C VAL B 469 20.67 -6.76 3.45
N VAL B 470 19.97 -6.05 2.57
CA VAL B 470 19.33 -4.79 2.95
C VAL B 470 17.98 -5.11 3.58
N VAL B 471 17.76 -4.61 4.80
CA VAL B 471 16.53 -4.82 5.54
C VAL B 471 15.97 -3.46 5.95
N HIS B 472 14.68 -3.23 5.69
CA HIS B 472 14.06 -1.97 6.05
C HIS B 472 12.59 -2.18 6.37
N CYS B 473 12.07 -1.28 7.21
CA CYS B 473 10.63 -1.18 7.46
C CYS B 473 10.21 0.27 7.31
N SER B 474 9.77 0.90 8.41
CA SER B 474 9.46 2.33 8.39
C SER B 474 10.67 3.12 8.87
N ALA B 475 10.96 3.05 10.18
CA ALA B 475 12.13 3.69 10.75
C ALA B 475 13.38 2.83 10.65
N GLY B 476 13.23 1.53 10.39
CA GLY B 476 14.37 0.65 10.24
C GLY B 476 15.04 0.20 11.51
N ILE B 477 14.28 0.10 12.61
CA ILE B 477 14.87 -0.31 13.88
C ILE B 477 14.02 -1.39 14.56
N GLY B 478 12.70 -1.32 14.36
CA GLY B 478 11.80 -2.21 15.07
C GLY B 478 11.65 -3.58 14.43
N ARG B 479 10.77 -3.67 13.42
CA ARG B 479 10.67 -4.92 12.66
C ARG B 479 12.00 -5.28 12.01
N THR B 480 12.73 -4.26 11.54
CA THR B 480 14.03 -4.50 10.92
C THR B 480 14.99 -5.18 11.89
N GLY B 481 15.09 -4.66 13.12
CA GLY B 481 15.96 -5.28 14.10
C GLY B 481 15.48 -6.64 14.52
N THR B 482 14.16 -6.83 14.61
CA THR B 482 13.60 -8.13 14.95
C THR B 482 13.98 -9.17 13.89
N PHE B 483 13.81 -8.83 12.62
CA PHE B 483 14.15 -9.75 11.55
C PHE B 483 15.63 -10.08 11.53
N ILE B 484 16.48 -9.06 11.69
CA ILE B 484 17.93 -9.28 11.61
C ILE B 484 18.40 -10.11 12.80
N VAL B 485 17.87 -9.87 13.99
CA VAL B 485 18.29 -10.61 15.17
C VAL B 485 17.88 -12.08 15.05
N ILE B 486 16.66 -12.33 14.58
CA ILE B 486 16.23 -13.73 14.36
C ILE B 486 17.14 -14.40 13.35
N ASP B 487 17.46 -13.70 12.25
CA ASP B 487 18.30 -14.29 11.22
C ASP B 487 19.70 -14.61 11.74
N ILE B 488 20.26 -13.71 12.55
CA ILE B 488 21.58 -13.98 13.15
C ILE B 488 21.51 -15.20 14.04
N LEU B 489 20.47 -15.30 14.87
CA LEU B 489 20.39 -16.38 15.84
C LEU B 489 20.21 -17.73 15.15
N ILE B 490 19.28 -17.82 14.20
CA ILE B 490 19.03 -19.11 13.55
C ILE B 490 20.17 -19.48 12.61
N ASP B 491 20.98 -18.51 12.17
CA ASP B 491 22.14 -18.84 11.36
C ASP B 491 23.18 -19.61 12.18
N ILE B 492 23.37 -19.22 13.44
CA ILE B 492 24.24 -19.99 14.34
C ILE B 492 23.73 -21.43 14.44
N ILE B 493 22.43 -21.58 14.64
CA ILE B 493 21.84 -22.91 14.73
C ILE B 493 21.91 -23.62 13.38
N ARG B 494 21.76 -22.87 12.28
CA ARG B 494 21.83 -23.46 10.95
C ARG B 494 23.16 -24.18 10.72
N GLU B 495 24.24 -23.68 11.32
CA GLU B 495 25.56 -24.28 11.15
C GLU B 495 25.81 -25.38 12.19
N LYS B 496 25.62 -25.08 13.47
CA LYS B 496 26.05 -25.95 14.55
C LYS B 496 24.92 -26.79 15.14
N GLY B 497 23.68 -26.57 14.72
CA GLY B 497 22.59 -27.33 15.30
C GLY B 497 22.37 -27.01 16.77
N VAL B 498 21.83 -28.00 17.49
CA VAL B 498 21.50 -27.81 18.90
C VAL B 498 22.73 -27.68 19.79
N ASP B 499 23.92 -27.98 19.28
CA ASP B 499 25.14 -27.94 20.08
C ASP B 499 25.82 -26.58 19.94
N CYS B 500 25.13 -25.54 20.39
CA CYS B 500 25.66 -24.19 20.32
C CYS B 500 25.00 -23.34 21.39
N ASP B 501 25.72 -22.32 21.84
CA ASP B 501 25.19 -21.35 22.79
C ASP B 501 24.57 -20.19 22.04
N ILE B 502 23.37 -19.78 22.45
CA ILE B 502 22.74 -18.56 21.96
C ILE B 502 22.43 -17.67 23.15
N ASP B 503 22.63 -16.37 22.98
CA ASP B 503 22.42 -15.38 24.02
C ASP B 503 21.61 -14.25 23.39
N VAL B 504 20.29 -14.30 23.57
CA VAL B 504 19.41 -13.37 22.85
C VAL B 504 19.68 -11.92 23.24
N PRO B 505 19.68 -11.51 24.50
CA PRO B 505 19.93 -10.09 24.81
C PRO B 505 21.32 -9.62 24.43
N LYS B 506 22.34 -10.49 24.54
CA LYS B 506 23.68 -10.11 24.12
C LYS B 506 23.73 -9.83 22.62
N THR B 507 23.08 -10.67 21.82
CA THR B 507 23.02 -10.44 20.38
C THR B 507 22.30 -9.13 20.07
N ILE B 508 21.22 -8.83 20.79
CA ILE B 508 20.49 -7.59 20.55
C ILE B 508 21.33 -6.39 20.95
N GLN B 509 21.98 -6.45 22.11
CA GLN B 509 22.87 -5.38 22.54
C GLN B 509 23.98 -5.14 21.52
N MET B 510 24.53 -6.22 20.95
CA MET B 510 25.57 -6.09 19.94
C MET B 510 25.02 -5.43 18.67
N VAL B 511 23.81 -5.79 18.27
CA VAL B 511 23.19 -5.14 17.12
C VAL B 511 22.84 -3.69 17.45
N ARG B 512 22.43 -3.44 18.70
CA ARG B 512 22.04 -2.10 19.10
C ARG B 512 23.21 -1.14 19.17
N SER B 513 24.44 -1.64 19.30
CA SER B 513 25.61 -0.78 19.22
C SER B 513 25.91 -0.34 17.79
N GLN B 514 25.17 -0.86 16.81
CA GLN B 514 25.39 -0.55 15.41
C GLN B 514 24.25 0.24 14.77
N ARG B 515 23.06 0.22 15.36
CA ARG B 515 21.97 1.11 14.98
C ARG B 515 21.07 1.28 16.19
N SER B 516 20.60 2.52 16.41
CA SER B 516 19.87 2.85 17.62
C SER B 516 18.58 2.04 17.73
N GLY B 517 18.34 1.48 18.91
CA GLY B 517 17.07 0.88 19.23
C GLY B 517 16.65 -0.30 18.40
N MET B 518 17.59 -1.05 17.84
CA MET B 518 17.25 -2.28 17.13
C MET B 518 16.51 -3.22 18.07
N VAL B 519 15.33 -3.68 17.63
CA VAL B 519 14.33 -4.36 18.46
C VAL B 519 13.73 -3.36 19.44
N GLN B 520 12.44 -3.07 19.28
CA GLN B 520 11.80 -1.94 19.93
C GLN B 520 10.97 -2.30 21.16
N THR B 521 10.31 -3.45 21.17
CA THR B 521 9.31 -3.74 22.19
C THR B 521 9.55 -5.12 22.81
N GLU B 522 8.95 -5.30 23.99
CA GLU B 522 8.99 -6.61 24.65
C GLU B 522 8.26 -7.66 23.83
N ALA B 523 7.21 -7.26 23.12
CA ALA B 523 6.50 -8.18 22.25
C ALA B 523 7.42 -8.74 21.18
N GLN B 524 8.24 -7.87 20.57
CA GLN B 524 9.23 -8.35 19.60
C GLN B 524 10.27 -9.24 20.28
N TYR B 525 10.70 -8.87 21.49
CA TYR B 525 11.64 -9.69 22.24
C TYR B 525 11.11 -11.11 22.43
N ARG B 526 9.86 -11.23 22.90
CA ARG B 526 9.25 -12.55 23.05
C ARG B 526 9.10 -13.24 21.70
N PHE B 527 8.82 -12.48 20.64
CA PHE B 527 8.69 -13.07 19.32
C PHE B 527 10.01 -13.65 18.83
N ILE B 528 11.13 -12.99 19.17
CA ILE B 528 12.43 -13.52 18.80
C ILE B 528 12.66 -14.88 19.46
N TYR B 529 12.42 -14.96 20.77
CA TYR B 529 12.53 -16.22 21.48
C TYR B 529 11.61 -17.27 20.87
N MET B 530 10.36 -16.89 20.59
CA MET B 530 9.40 -17.83 20.03
C MET B 530 9.85 -18.31 18.64
N ALA B 531 10.40 -17.41 17.83
CA ALA B 531 10.87 -17.79 16.51
C ALA B 531 12.02 -18.79 16.60
N VAL B 532 12.99 -18.51 17.48
CA VAL B 532 14.13 -19.42 17.63
C VAL B 532 13.67 -20.78 18.14
N GLN B 533 12.76 -20.78 19.12
CA GLN B 533 12.22 -22.04 19.63
C GLN B 533 11.53 -22.83 18.53
N HIS B 534 10.70 -22.14 17.74
CA HIS B 534 10.01 -22.81 16.64
C HIS B 534 10.98 -23.38 15.62
N TYR B 535 12.07 -22.65 15.34
CA TYR B 535 13.05 -23.14 14.38
C TYR B 535 13.74 -24.40 14.88
N ILE B 536 14.09 -24.44 16.16
CA ILE B 536 14.77 -25.60 16.71
C ILE B 536 13.85 -26.82 16.71
N GLU B 537 12.56 -26.59 17.02
CA GLU B 537 11.62 -27.71 17.09
C GLU B 537 11.36 -28.35 15.73
N THR B 538 11.75 -27.69 14.63
CA THR B 538 11.58 -28.25 13.30
C THR B 538 12.88 -28.78 12.71
N LEU B 539 13.94 -28.89 13.52
CA LEU B 539 15.22 -29.39 13.04
C LEU B 539 15.17 -30.91 12.83
C18 WAB C . -15.03 -14.23 -27.21
C14 WAB C . -15.42 -11.97 -26.13
C13 WAB C . -16.04 -12.49 -24.82
C17 WAB C . -17.80 -13.66 -25.96
C16 WAB C . -17.33 -13.15 -27.34
C15 WAB C . -15.80 -12.89 -27.31
N3 WAB C . -20.92 -8.48 -24.09
C8 WAB C . -19.77 -11.74 -24.82
C5 WAB C . -18.66 -9.34 -24.18
C6 WAB C . -18.15 -8.08 -23.85
C1 WAB C . -19.05 -7.02 -23.64
C4 WAB C . -20.05 -9.50 -24.29
C20 WAB C . -14.07 -13.03 -29.00
C21 WAB C . -15.35 -12.26 -28.63
C2 WAB C . -20.42 -7.25 -23.76
C23 WAB C . -13.95 -13.23 -30.53
C24 WAB C . -22.86 -6.69 -22.56
C25 WAB C . -22.57 -7.70 -21.62
C26 WAB C . -23.64 -8.29 -20.91
C28 WAB C . -25.21 -6.93 -22.01
C29 WAB C . -24.20 -6.30 -22.76
C9 WAB C . -18.38 -11.59 -24.71
N10 WAB C . -17.83 -10.40 -24.39
N12 WAB C . -17.51 -12.65 -24.93
N22 WAB C . -16.43 -12.11 -29.71
N27 WAB C . -24.93 -7.90 -21.10
N30 WAB C . -26.55 -6.58 -22.15
N7 WAB C . -20.62 -10.70 -24.60
O19 WAB C . -14.29 -14.33 -28.43
S11 WAB C . -21.56 -5.93 -23.50
CL1 WAB C . -24.59 -5.06 -23.91
C18 WAB D . 16.61 -11.80 37.06
C14 WAB D . 16.77 -10.82 34.72
C13 WAB D . 17.44 -12.02 34.04
C17 WAB D . 19.28 -12.01 35.57
C16 WAB D . 18.77 -10.75 36.30
C15 WAB D . 17.23 -10.68 36.20
N3 WAB D . 21.91 -9.06 30.63
C8 WAB D . 21.07 -11.11 33.39
C5 WAB D . 19.76 -9.89 31.34
C6 WAB D . 19.13 -9.24 30.26
C1 WAB D . 19.92 -8.50 29.37
C4 WAB D . 21.15 -9.78 31.49
C20 WAB D . 15.62 -9.80 37.78
C21 WAB D . 16.71 -9.36 36.78
C2 WAB D . 21.31 -8.44 29.58
C23 WAB D . 15.66 -8.94 39.06
C24 WAB D . 23.74 -8.50 28.15
C25 WAB D . 23.65 -9.89 28.11
C26 WAB D . 24.81 -10.63 27.87
C28 WAB D . 26.10 -8.68 27.69
C29 WAB D . 24.98 -7.88 27.93
C9 WAB D . 19.68 -11.24 33.24
N10 WAB D . 19.02 -10.63 32.22
N12 WAB D . 18.91 -11.97 34.14
N22 WAB D . 17.75 -8.36 37.27
N27 WAB D . 26.02 -10.05 27.66
N30 WAB D . 27.37 -8.14 27.47
N7 WAB D . 21.81 -10.38 32.50
O19 WAB D . 16.00 -11.12 38.17
S11 WAB D . 22.30 -7.49 28.45
CL1 WAB D . 25.11 -6.14 27.96
#